data_7KB5
#
_entry.id   7KB5
#
_cell.length_a   1.00
_cell.length_b   1.00
_cell.length_c   1.00
_cell.angle_alpha   90.00
_cell.angle_beta   90.00
_cell.angle_gamma   90.00
#
_symmetry.space_group_name_H-M   'P 1'
#
loop_
_entity.id
_entity.type
_entity.pdbx_description
1 polymer 'Protein transport protein SEC61'
2 polymer 'Protein transport protein SBH1'
3 polymer 'Protein transport protein SSS1'
4 polymer 'Protein translocation protein SEC63'
5 polymer 'Translocation protein SEC66'
6 polymer 'Translocation protein SEC72'
#
loop_
_entity_poly.entity_id
_entity_poly.type
_entity_poly.pdbx_seq_one_letter_code
_entity_poly.pdbx_strand_id
1 'polypeptide(L)'
;MSSNRVLDLFKPFESFLPEVIAPERKVPYNQKLIWTGVSLLIFLILGQIPLYGIVSSETSDPLYWLRAMLASNRGTLLEL
GVSPIITSSMIFQFLQGTQLLQIRPESKQDRELFQIAQKVCAIILILGQALVVVMTGNYGAPSDLGLPICLLLIFQLMFA
SLIVMLLDELLSKGYGLGSGISLFTATNIAEQIFWRAFAPTTVNSGRGKEFEGAVIAFFHLLAVRKDKKRALVEAFYRTN
LPNMFQVLMTVAIFLFVLYLQGFRYELPIRSTKVRGQIGIYPIKLFYTSNTPIMLQSALTSNIFLISQILFQKYPTNPLI
RLIGVWGIRPGTQGPQMALSGLAYYIQPLMSLSEALLDPIKTIVYITFVLGSCAVFSKTWIEISGTSPRDIAKQFKDQGM
VINGKRETSIYRELKKIIPTAAAFGGATIGALSVGSDLLGTLGSGASILMATTTIYGYYEAAAKEGGFTKNLVPGFSDLM
;
A
2 'polypeptide(L)'
;MSSPTPPGGQRTLQKRKQGSSQKVAASAPKKNTNSNNSILKIYSDEATGLRVDPLVVLFLAVGFIFSVVALHVISKVAGK
LF
;
B
3 'polypeptide(L)' MARASEKGEEKKQSNNQVEKLVEAPVEFVREGTQFLAKCKKPDLKEYTKIVKAVGIGFIAVGIIGYAIKLIHIPIRYVIV C
4 'polypeptide(L)'
;GGSGGSGGSGGSGGSPTNYEYDEASETWPSFILTGLLMVVGPMTLLQIYQIFFGANAEDGNSGKSKEFNEEVFKNLNEEY
TSDEIKQFRRKFDKNSNKKSKIWSRRNIIIIVGWILVAILLQRINSNDAIKDAATKLFDPYEILGISTSASDRDIKSAYR
KLSVKFHPDKLAKGLTPDEKSVMEETYVQITKAYESLTDELVRQNYLKYGHPDGPQSTSHGIASGSGGSGGSASPLLVVC
YVALLGLILPYFVSRWWARTQSYTKKGIHNVTASNFVSNLVNYKPSEIVTTDLILHWLSFAHEFKQFFPDLQPTDFEKLL
QDHINRRDSGKLNNAKFRIVAKCHSLLHGLLDIACGFRNLDIALGAINTFKCIVQAVPLTPNCQILQLPNVDKEHFITKT
GDIHTLGKLFTLEDAKIGEVLGIKDQAKLNETLRVASHIPNLKIIKADFLVPGRPYISLKVLVRSAKQPLIPTSLIPEEN
LTEPQDSESQRDPFAMMSKQPLVPYSFAPFFPTKRRGSWCCLVSSQKDGKILQTPIIIEKLSYKNLNDDKDFFDKRIKMD
LTKHEKFDINDWEIGTIKIPLGQPAPETVGDFFFRVIVKSTDYFTTDLDITMNMKVRDSPAVEQVEVYSEEDDEYSTDDD
ETESDDESDASDYTDIDTDTEAEDDESPEGENLYFQ
;
D
5 'polypeptide(L)'
;MSEFNETKFSNNGTFFETEEPIVETKSISVYTPLIYVFILVVSLVMFASSYRKKQAKKISEQPSIFDENDAHDLYFQIKE
MSENEKIHEKVLKAALLNRGAESVRRSLKLKELAPQINLLYKNGSIGEDYWKRFETEVKLIELEFKDTLQEAERLQPGWV
QLFVMVCKEICFNQALSRRYQSILKRKEVCIKEWELKINNDGRLVN
;
E
6 'polypeptide(L)'
;MVTLEYNANSKLITASDAVVALSTETNIDQINVLTTSLIGETNPNFTPQPNEALSKMIKGLFESGMKNLQQKKLNEALKN
VSLAIEMAQRKRAPWEAFAIQLPELHFMLRSKIDLCLILGKHLEALQDLDFLLGTGLIQPDVFVRKADCLLKLRQWEEAR
ATCERGLALAPEDMKLRALLIETARNLAEYNGE
;
F
#
# COMPACT_ATOMS: atom_id res chain seq x y z
N PRO A 12 -37.31 -4.22 12.69
CA PRO A 12 -36.68 -5.44 12.19
C PRO A 12 -37.41 -6.04 10.99
N PHE A 13 -37.07 -5.58 9.78
CA PHE A 13 -37.68 -6.07 8.56
C PHE A 13 -36.65 -6.07 7.44
N GLU A 14 -37.09 -6.48 6.26
CA GLU A 14 -36.20 -6.50 5.10
C GLU A 14 -35.82 -5.08 4.71
N SER A 15 -34.62 -4.94 4.15
CA SER A 15 -34.08 -3.64 3.76
C SER A 15 -33.53 -3.72 2.34
N PHE A 16 -34.16 -2.99 1.42
CA PHE A 16 -33.70 -2.85 0.05
C PHE A 16 -33.69 -1.37 -0.32
N LEU A 17 -32.59 -0.69 -0.01
CA LEU A 17 -32.47 0.75 -0.20
C LEU A 17 -31.15 1.07 -0.89
N PRO A 18 -31.07 2.23 -1.56
CA PRO A 18 -29.81 2.61 -2.20
C PRO A 18 -28.75 3.00 -1.17
N GLU A 19 -27.51 2.64 -1.45
CA GLU A 19 -26.39 2.97 -0.58
C GLU A 19 -25.12 3.03 -1.43
N VAL A 20 -24.10 3.68 -0.88
CA VAL A 20 -22.82 3.81 -1.56
C VAL A 20 -21.90 2.69 -1.11
N ILE A 21 -21.09 2.18 -2.05
CA ILE A 21 -20.23 1.04 -1.76
C ILE A 21 -19.00 1.48 -0.98
N ALA A 22 -18.55 0.63 -0.08
CA ALA A 22 -17.38 0.93 0.72
C ALA A 22 -16.11 0.74 -0.11
N PRO A 23 -15.01 1.39 0.26
CA PRO A 23 -13.74 1.13 -0.42
C PRO A 23 -13.16 -0.20 0.01
N GLU A 24 -12.67 -0.97 -0.96
CA GLU A 24 -12.09 -2.27 -0.65
C GLU A 24 -10.79 -2.12 0.12
N ARG A 25 -9.99 -1.13 -0.24
CA ARG A 25 -8.75 -0.83 0.46
C ARG A 25 -8.84 0.58 1.04
N LYS A 26 -8.05 0.83 2.07
CA LYS A 26 -8.07 2.14 2.71
C LYS A 26 -7.57 3.21 1.75
N VAL A 27 -8.34 4.29 1.64
CA VAL A 27 -8.05 5.39 0.73
C VAL A 27 -6.91 6.23 1.30
N PRO A 28 -5.97 6.70 0.50
CA PRO A 28 -4.90 7.54 1.02
C PRO A 28 -5.43 8.88 1.50
N TYR A 29 -4.50 9.72 1.95
CA TYR A 29 -4.89 11.00 2.55
C TYR A 29 -5.32 12.02 1.50
N ASN A 30 -4.63 12.04 0.35
CA ASN A 30 -4.89 13.08 -0.63
C ASN A 30 -6.25 12.92 -1.29
N GLN A 31 -6.61 11.69 -1.66
CA GLN A 31 -7.93 11.47 -2.24
C GLN A 31 -9.02 11.75 -1.20
N LYS A 32 -8.76 11.44 0.06
CA LYS A 32 -9.68 11.79 1.13
C LYS A 32 -9.91 13.30 1.18
N LEU A 33 -8.82 14.07 1.13
CA LEU A 33 -8.95 15.52 1.17
C LEU A 33 -9.70 16.05 -0.04
N ILE A 34 -9.41 15.52 -1.23
CA ILE A 34 -10.08 16.01 -2.43
C ILE A 34 -11.57 15.70 -2.37
N TRP A 35 -11.94 14.50 -1.91
CA TRP A 35 -13.36 14.18 -1.79
C TRP A 35 -14.05 15.09 -0.79
N THR A 36 -13.41 15.36 0.35
CA THR A 36 -14.00 16.28 1.31
C THR A 36 -14.20 17.66 0.70
N GLY A 37 -13.18 18.18 0.01
CA GLY A 37 -13.30 19.51 -0.57
C GLY A 37 -14.39 19.59 -1.63
N VAL A 38 -14.48 18.59 -2.49
CA VAL A 38 -15.48 18.64 -3.56
C VAL A 38 -16.88 18.47 -3.00
N SER A 39 -17.07 17.59 -2.02
CA SER A 39 -18.36 17.49 -1.37
C SER A 39 -18.76 18.81 -0.71
N LEU A 40 -17.79 19.47 -0.08
CA LEU A 40 -18.07 20.76 0.54
C LEU A 40 -18.50 21.80 -0.49
N LEU A 41 -17.80 21.84 -1.62
CA LEU A 41 -18.17 22.78 -2.67
C LEU A 41 -19.57 22.50 -3.20
N ILE A 42 -19.91 21.22 -3.37
CA ILE A 42 -21.25 20.89 -3.86
C ILE A 42 -22.31 21.33 -2.86
N PHE A 43 -22.08 21.09 -1.57
CA PHE A 43 -23.07 21.51 -0.58
C PHE A 43 -23.21 23.03 -0.55
N LEU A 44 -22.10 23.75 -0.59
CA LEU A 44 -22.19 25.22 -0.54
C LEU A 44 -22.90 25.76 -1.77
N ILE A 45 -22.64 25.19 -2.95
CA ILE A 45 -23.36 25.63 -4.15
C ILE A 45 -24.85 25.33 -4.01
N LEU A 46 -25.18 24.13 -3.54
CA LEU A 46 -26.59 23.80 -3.35
C LEU A 46 -27.26 24.73 -2.36
N GLY A 47 -26.47 25.35 -1.48
CA GLY A 47 -27.06 26.23 -0.48
C GLY A 47 -27.58 27.54 -1.04
N GLN A 48 -27.00 28.01 -2.15
CA GLN A 48 -27.30 29.37 -2.60
C GLN A 48 -28.49 29.40 -3.56
N ILE A 49 -28.63 28.37 -4.40
CA ILE A 49 -29.58 28.48 -5.51
C ILE A 49 -31.01 28.42 -4.98
N PRO A 50 -31.87 29.37 -5.31
CA PRO A 50 -33.21 29.42 -4.74
C PRO A 50 -34.22 28.57 -5.51
N LEU A 51 -35.35 28.30 -4.86
CA LEU A 51 -36.36 27.42 -5.42
C LEU A 51 -37.04 28.07 -6.62
N TYR A 52 -37.99 27.33 -7.18
CA TYR A 52 -38.77 27.78 -8.33
C TYR A 52 -40.13 28.35 -7.94
N GLY A 53 -40.82 27.70 -7.00
CA GLY A 53 -42.14 28.12 -6.59
C GLY A 53 -42.19 29.37 -5.75
N ILE A 54 -41.12 30.17 -5.76
CA ILE A 54 -41.08 31.41 -4.99
C ILE A 54 -42.14 32.38 -5.47
N PRO A 62 -40.08 33.94 12.16
CA PRO A 62 -38.80 33.44 11.64
C PRO A 62 -37.89 32.92 12.75
N LEU A 63 -36.90 32.12 12.37
CA LEU A 63 -35.97 31.51 13.31
C LEU A 63 -34.57 32.04 13.01
N TYR A 64 -33.95 32.65 14.02
CA TYR A 64 -32.63 33.26 13.79
C TYR A 64 -31.50 32.30 14.14
N TRP A 65 -31.45 31.82 15.38
CA TRP A 65 -30.30 31.03 15.82
C TRP A 65 -30.39 29.60 15.30
N LEU A 66 -31.59 29.04 15.22
CA LEU A 66 -31.74 27.64 14.89
C LEU A 66 -31.43 27.37 13.42
N ARG A 67 -31.85 28.28 12.53
CA ARG A 67 -31.53 28.11 11.12
C ARG A 67 -30.02 28.15 10.89
N ALA A 68 -29.29 28.88 11.73
CA ALA A 68 -27.84 28.90 11.61
C ALA A 68 -27.21 27.66 12.23
N MET A 69 -27.75 27.18 13.36
CA MET A 69 -27.21 26.01 14.02
C MET A 69 -27.57 24.71 13.34
N LEU A 70 -28.52 24.72 12.39
CA LEU A 70 -28.90 23.53 11.66
C LEU A 70 -28.57 23.64 10.18
N ALA A 71 -27.78 24.64 9.80
CA ALA A 71 -27.24 24.79 8.45
C ALA A 71 -28.35 24.80 7.40
N SER A 72 -29.32 25.70 7.57
CA SER A 72 -30.39 25.89 6.60
C SER A 72 -30.77 27.36 6.55
N ASN A 73 -30.96 27.88 5.34
CA ASN A 73 -31.41 29.25 5.14
C ASN A 73 -32.67 29.24 4.28
N ARG A 74 -33.59 30.15 4.58
CA ARG A 74 -34.88 30.14 3.93
C ARG A 74 -34.78 30.66 2.50
N GLY A 75 -35.72 30.21 1.66
CA GLY A 75 -35.77 30.67 0.29
C GLY A 75 -34.79 30.00 -0.65
N THR A 76 -34.19 28.88 -0.25
CA THR A 76 -33.22 28.17 -1.07
C THR A 76 -33.52 26.67 -1.04
N LEU A 77 -32.91 25.95 -1.99
CA LEU A 77 -33.09 24.51 -2.07
C LEU A 77 -32.71 23.82 -0.77
N LEU A 78 -31.83 24.43 0.02
CA LEU A 78 -31.36 23.88 1.28
C LEU A 78 -32.22 24.33 2.46
N GLU A 79 -33.49 24.64 2.22
CA GLU A 79 -34.33 25.15 3.30
C GLU A 79 -34.50 24.12 4.41
N LEU A 80 -34.49 22.84 4.07
CA LEU A 80 -34.65 21.80 5.08
C LEU A 80 -33.38 21.61 5.89
N GLY A 81 -32.24 21.50 5.21
CA GLY A 81 -30.97 21.33 5.89
C GLY A 81 -30.78 19.93 6.41
N VAL A 82 -29.91 19.81 7.41
CA VAL A 82 -29.65 18.55 8.08
C VAL A 82 -30.59 18.33 9.26
N SER A 83 -31.63 19.16 9.37
CA SER A 83 -32.57 19.02 10.48
C SER A 83 -33.25 17.65 10.53
N PRO A 84 -33.71 17.03 9.44
CA PRO A 84 -34.34 15.72 9.59
C PRO A 84 -33.38 14.65 10.07
N ILE A 85 -32.15 14.64 9.57
CA ILE A 85 -31.18 13.64 10.02
C ILE A 85 -30.86 13.84 11.49
N ILE A 86 -30.64 15.10 11.90
CA ILE A 86 -30.31 15.34 13.30
C ILE A 86 -31.50 15.00 14.20
N THR A 87 -32.72 15.19 13.69
CA THR A 87 -33.89 14.87 14.50
C THR A 87 -34.10 13.36 14.61
N SER A 88 -33.77 12.62 13.54
CA SER A 88 -33.82 11.17 13.63
C SER A 88 -32.77 10.65 14.61
N SER A 89 -31.59 11.26 14.61
CA SER A 89 -30.59 10.93 15.62
C SER A 89 -31.12 11.20 17.03
N MET A 90 -31.80 12.33 17.22
CA MET A 90 -32.40 12.62 18.52
C MET A 90 -33.46 11.59 18.89
N ILE A 91 -34.24 11.15 17.91
CA ILE A 91 -35.29 10.16 18.16
C ILE A 91 -34.67 8.85 18.65
N PHE A 92 -33.65 8.36 17.96
CA PHE A 92 -33.02 7.12 18.40
C PHE A 92 -32.28 7.29 19.71
N GLN A 93 -31.75 8.48 19.98
CA GLN A 93 -31.12 8.70 21.28
C GLN A 93 -32.15 8.63 22.40
N PHE A 94 -33.30 9.27 22.21
CA PHE A 94 -34.38 9.19 23.19
C PHE A 94 -34.86 7.75 23.36
N LEU A 95 -34.91 6.99 22.25
CA LEU A 95 -35.34 5.60 22.34
C LEU A 95 -34.34 4.75 23.12
N GLN A 96 -33.05 4.96 22.88
CA GLN A 96 -32.04 4.21 23.62
C GLN A 96 -32.00 4.63 25.07
N GLY A 97 -32.44 5.86 25.38
CA GLY A 97 -32.48 6.30 26.76
C GLY A 97 -33.36 5.43 27.63
N THR A 98 -34.53 5.04 27.12
CA THR A 98 -35.48 4.24 27.89
C THR A 98 -35.18 2.73 27.83
N GLN A 99 -34.03 2.34 27.29
CA GLN A 99 -33.61 0.93 27.24
C GLN A 99 -34.59 0.06 26.47
N LEU A 100 -35.25 0.62 25.46
CA LEU A 100 -36.17 -0.17 24.65
C LEU A 100 -35.42 -1.14 23.75
N LEU A 101 -34.18 -0.81 23.39
CA LEU A 101 -33.37 -1.68 22.55
C LEU A 101 -32.99 -2.97 23.27
N SER A 107 -22.07 -7.94 17.58
CA SER A 107 -22.96 -8.40 16.51
C SER A 107 -23.14 -7.32 15.46
N LYS A 108 -22.71 -7.62 14.23
CA LYS A 108 -22.79 -6.64 13.15
C LYS A 108 -24.22 -6.49 12.65
N GLN A 109 -25.03 -7.55 12.76
CA GLN A 109 -26.40 -7.49 12.28
C GLN A 109 -27.22 -6.46 13.03
N ASP A 110 -27.01 -6.36 14.35
CA ASP A 110 -27.73 -5.36 15.14
C ASP A 110 -27.34 -3.95 14.71
N ARG A 111 -26.04 -3.72 14.45
CA ARG A 111 -25.60 -2.40 13.99
C ARG A 111 -26.19 -2.07 12.63
N GLU A 112 -26.24 -3.06 11.73
CA GLU A 112 -26.82 -2.83 10.41
C GLU A 112 -28.30 -2.51 10.51
N LEU A 113 -29.03 -3.23 11.37
CA LEU A 113 -30.44 -2.95 11.57
C LEU A 113 -30.64 -1.55 12.14
N PHE A 114 -29.81 -1.17 13.12
CA PHE A 114 -29.91 0.15 13.70
C PHE A 114 -29.65 1.24 12.65
N GLN A 115 -28.68 1.02 11.77
CA GLN A 115 -28.34 2.03 10.77
C GLN A 115 -29.43 2.13 9.71
N ILE A 116 -29.96 1.00 9.24
CA ILE A 116 -31.03 1.06 8.24
C ILE A 116 -32.28 1.67 8.85
N ALA A 117 -32.52 1.43 10.14
CA ALA A 117 -33.65 2.08 10.81
C ALA A 117 -33.44 3.58 10.90
N GLN A 118 -32.21 3.99 11.22
CA GLN A 118 -31.86 5.42 11.18
C GLN A 118 -32.17 6.01 9.81
N LYS A 119 -31.79 5.32 8.74
CA LYS A 119 -31.99 5.86 7.40
C LYS A 119 -33.47 5.95 7.06
N VAL A 120 -34.26 4.94 7.43
CA VAL A 120 -35.66 4.95 7.04
C VAL A 120 -36.44 5.98 7.85
N CYS A 121 -36.13 6.12 9.14
CA CYS A 121 -36.80 7.16 9.91
C CYS A 121 -36.37 8.53 9.41
N ALA A 122 -35.12 8.66 8.97
CA ALA A 122 -34.68 9.92 8.36
C ALA A 122 -35.50 10.26 7.13
N ILE A 123 -35.70 9.29 6.23
CA ILE A 123 -36.40 9.62 4.98
C ILE A 123 -37.88 9.91 5.25
N ILE A 124 -38.50 9.16 6.16
CA ILE A 124 -39.90 9.45 6.47
C ILE A 124 -40.03 10.78 7.19
N LEU A 125 -39.02 11.16 7.99
CA LEU A 125 -39.06 12.45 8.65
C LEU A 125 -38.87 13.57 7.64
N ILE A 126 -38.06 13.34 6.61
CA ILE A 126 -37.95 14.32 5.53
C ILE A 126 -39.31 14.50 4.85
N LEU A 127 -39.97 13.38 4.54
CA LEU A 127 -41.28 13.44 3.90
C LEU A 127 -42.28 14.22 4.75
N GLY A 128 -42.23 14.02 6.07
CA GLY A 128 -43.14 14.76 6.94
C GLY A 128 -42.79 16.23 7.05
N GLN A 129 -41.50 16.54 7.18
CA GLN A 129 -41.06 17.91 7.38
C GLN A 129 -41.32 18.77 6.15
N ALA A 130 -41.18 18.21 4.95
CA ALA A 130 -41.48 18.98 3.75
C ALA A 130 -42.93 19.43 3.73
N LEU A 131 -43.85 18.52 4.04
CA LEU A 131 -45.27 18.87 4.07
C LEU A 131 -45.57 19.86 5.19
N VAL A 132 -44.93 19.69 6.34
CA VAL A 132 -45.13 20.64 7.43
C VAL A 132 -44.71 22.04 7.01
N VAL A 133 -43.54 22.16 6.37
CA VAL A 133 -43.04 23.47 5.94
C VAL A 133 -43.96 24.07 4.88
N VAL A 134 -44.43 23.25 3.94
CA VAL A 134 -45.25 23.79 2.86
C VAL A 134 -46.63 24.20 3.37
N MET A 135 -47.12 23.53 4.42
CA MET A 135 -48.38 23.94 5.02
C MET A 135 -48.21 25.21 5.83
N THR A 136 -47.09 25.35 6.53
CA THR A 136 -46.82 26.51 7.36
C THR A 136 -46.20 27.66 6.56
N GLY A 137 -45.71 27.39 5.35
CA GLY A 137 -45.00 28.41 4.61
C GLY A 137 -45.90 29.57 4.22
N ASN A 138 -45.27 30.73 4.05
CA ASN A 138 -46.01 31.93 3.67
C ASN A 138 -46.56 31.82 2.25
N TYR A 139 -46.10 30.81 1.50
CA TYR A 139 -46.60 30.62 0.14
C TYR A 139 -48.08 30.30 0.13
N GLY A 140 -48.55 29.56 1.13
CA GLY A 140 -49.96 29.24 1.23
C GLY A 140 -50.38 28.12 0.31
N ALA A 141 -51.66 27.74 0.44
CA ALA A 141 -52.18 26.65 -0.37
C ALA A 141 -52.38 27.03 -1.83
N PRO A 142 -53.03 28.15 -2.19
CA PRO A 142 -53.15 28.44 -3.62
C PRO A 142 -51.82 28.87 -4.25
N LEU A 147 -51.46 24.18 -6.92
CA LEU A 147 -51.24 22.78 -6.53
C LEU A 147 -50.13 22.09 -7.33
N PRO A 148 -50.10 22.25 -8.66
CA PRO A 148 -48.95 21.69 -9.42
C PRO A 148 -47.63 22.29 -8.97
N ILE A 149 -47.57 23.61 -8.81
CA ILE A 149 -46.36 24.25 -8.31
C ILE A 149 -46.05 23.75 -6.90
N CYS A 150 -47.09 23.46 -6.12
CA CYS A 150 -46.88 22.93 -4.77
C CYS A 150 -46.20 21.57 -4.81
N LEU A 151 -46.70 20.66 -5.65
CA LEU A 151 -46.08 19.35 -5.76
C LEU A 151 -44.67 19.46 -6.33
N LEU A 152 -44.45 20.38 -7.27
CA LEU A 152 -43.10 20.63 -7.77
C LEU A 152 -42.18 21.04 -6.63
N LEU A 153 -42.65 21.94 -5.76
CA LEU A 153 -41.85 22.40 -4.63
C LEU A 153 -41.54 21.25 -3.68
N ILE A 154 -42.54 20.41 -3.40
CA ILE A 154 -42.30 19.25 -2.53
C ILE A 154 -41.23 18.35 -3.13
N PHE A 155 -41.33 18.05 -4.43
CA PHE A 155 -40.34 17.18 -5.06
C PHE A 155 -38.95 17.81 -5.01
N GLN A 156 -38.87 19.12 -5.23
CA GLN A 156 -37.58 19.80 -5.17
C GLN A 156 -36.95 19.66 -3.79
N LEU A 157 -37.71 19.96 -2.74
CA LEU A 157 -37.16 19.86 -1.40
C LEU A 157 -36.78 18.42 -1.05
N MET A 158 -37.61 17.46 -1.47
CA MET A 158 -37.32 16.06 -1.22
C MET A 158 -35.97 15.67 -1.83
N PHE A 159 -35.77 15.98 -3.11
CA PHE A 159 -34.52 15.60 -3.76
C PHE A 159 -33.34 16.37 -3.15
N ALA A 160 -33.56 17.64 -2.79
CA ALA A 160 -32.48 18.45 -2.25
C ALA A 160 -32.00 17.92 -0.90
N SER A 161 -32.90 17.35 -0.12
CA SER A 161 -32.47 16.80 1.16
C SER A 161 -31.93 15.38 1.00
N LEU A 162 -32.48 14.62 0.05
CA LEU A 162 -31.98 13.27 -0.19
C LEU A 162 -30.52 13.31 -0.66
N ILE A 163 -30.18 14.28 -1.51
CA ILE A 163 -28.80 14.39 -1.96
C ILE A 163 -27.87 14.67 -0.77
N VAL A 164 -28.32 15.49 0.17
CA VAL A 164 -27.48 15.78 1.34
C VAL A 164 -27.30 14.54 2.20
N MET A 165 -28.36 13.75 2.36
CA MET A 165 -28.23 12.52 3.12
C MET A 165 -27.23 11.57 2.46
N LEU A 166 -27.35 11.38 1.14
CA LEU A 166 -26.43 10.50 0.42
C LEU A 166 -25.00 11.02 0.52
N LEU A 167 -24.81 12.34 0.44
CA LEU A 167 -23.47 12.90 0.51
C LEU A 167 -22.85 12.67 1.88
N ASP A 168 -23.64 12.85 2.94
CA ASP A 168 -23.13 12.56 4.27
C ASP A 168 -22.75 11.10 4.40
N GLU A 169 -23.57 10.19 3.88
CA GLU A 169 -23.25 8.78 3.97
C GLU A 169 -21.97 8.46 3.20
N LEU A 170 -21.79 9.11 2.05
CA LEU A 170 -20.55 8.94 1.29
C LEU A 170 -19.34 9.36 2.11
N LEU A 171 -19.36 10.58 2.66
CA LEU A 171 -18.22 11.04 3.46
C LEU A 171 -18.04 10.17 4.70
N SER A 172 -19.09 9.48 5.13
CA SER A 172 -18.97 8.65 6.32
C SER A 172 -18.40 7.28 6.00
N LYS A 173 -18.60 6.80 4.76
CA LYS A 173 -18.17 5.45 4.42
C LYS A 173 -16.67 5.28 4.52
N GLY A 174 -15.93 6.37 4.33
CA GLY A 174 -14.47 6.31 4.42
C GLY A 174 -13.76 7.21 3.45
N TYR A 175 -14.47 7.69 2.43
CA TYR A 175 -13.86 8.61 1.48
C TYR A 175 -13.56 9.94 2.14
N GLY A 176 -14.41 10.39 3.05
CA GLY A 176 -14.20 11.67 3.71
C GLY A 176 -13.63 11.50 5.11
N LEU A 177 -13.03 12.57 5.62
CA LEU A 177 -12.43 12.52 6.95
C LEU A 177 -13.44 12.13 8.02
N GLY A 178 -14.47 12.97 8.23
CA GLY A 178 -15.46 12.70 9.24
C GLY A 178 -16.86 12.83 8.67
N SER A 179 -17.84 12.63 9.57
CA SER A 179 -19.23 12.71 9.16
C SER A 179 -19.55 14.09 8.59
N GLY A 180 -20.32 14.10 7.51
CA GLY A 180 -20.63 15.37 6.86
C GLY A 180 -21.58 16.24 7.67
N ILE A 181 -22.34 15.62 8.57
CA ILE A 181 -23.33 16.36 9.35
C ILE A 181 -22.66 17.46 10.16
N SER A 182 -21.48 17.19 10.71
CA SER A 182 -20.79 18.21 11.49
C SER A 182 -20.09 19.22 10.59
N LEU A 183 -19.44 18.75 9.52
CA LEU A 183 -18.65 19.63 8.68
C LEU A 183 -19.53 20.66 7.96
N PHE A 184 -20.68 20.22 7.46
CA PHE A 184 -21.54 21.15 6.72
C PHE A 184 -22.03 22.28 7.62
N THR A 185 -22.46 21.95 8.84
CA THR A 185 -22.91 22.98 9.77
C THR A 185 -21.77 23.91 10.16
N ALA A 186 -20.58 23.34 10.41
CA ALA A 186 -19.43 24.18 10.74
C ALA A 186 -19.11 25.13 9.61
N THR A 187 -19.23 24.68 8.36
CA THR A 187 -18.91 25.53 7.22
C THR A 187 -19.94 26.64 7.06
N ASN A 188 -21.22 26.31 7.17
CA ASN A 188 -22.24 27.36 7.10
C ASN A 188 -22.03 28.40 8.19
N ILE A 189 -21.70 27.96 9.41
CA ILE A 189 -21.51 28.90 10.50
C ILE A 189 -20.29 29.78 10.25
N ALA A 190 -19.18 29.18 9.78
CA ALA A 190 -17.99 29.97 9.51
C ALA A 190 -18.22 30.97 8.39
N GLU A 191 -18.96 30.58 7.35
CA GLU A 191 -19.24 31.50 6.26
C GLU A 191 -20.12 32.65 6.74
N GLN A 192 -21.13 32.36 7.57
CA GLN A 192 -21.95 33.43 8.11
C GLN A 192 -21.12 34.38 8.97
N ILE A 193 -20.19 33.83 9.76
CA ILE A 193 -19.33 34.67 10.59
C ILE A 193 -18.48 35.59 9.72
N PHE A 194 -17.88 35.05 8.65
CA PHE A 194 -17.08 35.87 7.77
C PHE A 194 -17.92 36.92 7.06
N TRP A 195 -19.17 36.59 6.73
CA TRP A 195 -20.02 37.53 6.02
C TRP A 195 -20.47 38.66 6.92
N ARG A 196 -20.69 38.37 8.20
CA ARG A 196 -21.07 39.42 9.14
C ARG A 196 -19.97 40.46 9.30
N ALA A 197 -18.72 40.06 9.08
CA ALA A 197 -17.62 40.99 9.29
C ALA A 197 -17.21 41.68 8.00
N PHE A 198 -17.14 40.94 6.89
CA PHE A 198 -16.60 41.45 5.63
C PHE A 198 -17.68 41.72 4.58
N ALA A 199 -18.87 42.11 4.99
CA ALA A 199 -19.96 42.28 4.03
C ALA A 199 -19.69 43.48 3.13
N PRO A 200 -19.72 43.32 1.81
CA PRO A 200 -19.49 44.44 0.90
C PRO A 200 -20.74 45.23 0.53
N THR A 201 -21.92 44.77 0.93
CA THR A 201 -23.15 45.51 0.64
C THR A 201 -23.18 46.82 1.42
N THR A 202 -23.59 47.89 0.73
CA THR A 202 -23.63 49.23 1.30
C THR A 202 -25.07 49.59 1.64
N VAL A 203 -25.26 50.25 2.77
CA VAL A 203 -26.58 50.72 3.20
C VAL A 203 -26.56 52.24 3.19
N ASN A 204 -27.64 52.83 2.69
CA ASN A 204 -27.75 54.29 2.60
C ASN A 204 -29.14 54.75 3.04
N PHE A 211 -22.34 50.53 4.57
CA PHE A 211 -21.72 49.22 4.49
C PHE A 211 -22.32 48.27 5.53
N GLU A 212 -22.45 46.99 5.17
CA GLU A 212 -23.04 45.98 6.03
C GLU A 212 -22.00 45.24 6.86
N GLY A 213 -20.74 45.28 6.46
CA GLY A 213 -19.66 44.59 7.17
C GLY A 213 -18.99 45.54 8.15
N ALA A 214 -18.68 45.02 9.33
CA ALA A 214 -18.12 45.85 10.39
C ALA A 214 -16.79 46.46 9.98
N VAL A 215 -15.88 45.63 9.46
CA VAL A 215 -14.53 46.12 9.19
C VAL A 215 -14.54 47.11 8.02
N ILE A 216 -15.32 46.83 6.97
CA ILE A 216 -15.34 47.71 5.82
C ILE A 216 -16.03 49.02 6.17
N ALA A 217 -17.11 48.95 6.95
CA ALA A 217 -17.81 50.17 7.37
C ALA A 217 -16.91 51.02 8.25
N PHE A 218 -16.20 50.40 9.20
CA PHE A 218 -15.30 51.16 10.05
C PHE A 218 -14.17 51.79 9.25
N PHE A 219 -13.58 51.03 8.32
CA PHE A 219 -12.48 51.58 7.52
C PHE A 219 -12.96 52.71 6.63
N HIS A 220 -14.19 52.65 6.13
CA HIS A 220 -14.69 53.73 5.29
C HIS A 220 -15.02 54.96 6.14
N LEU A 221 -15.68 54.77 7.28
CA LEU A 221 -16.11 55.90 8.09
C LEU A 221 -14.93 56.60 8.75
N LEU A 222 -13.86 55.86 9.03
CA LEU A 222 -12.66 56.49 9.56
C LEU A 222 -12.07 57.46 8.56
N ALA A 223 -12.28 57.19 7.26
CA ALA A 223 -11.70 58.04 6.22
C ALA A 223 -12.62 59.20 5.86
N VAL A 224 -13.90 58.92 5.65
CA VAL A 224 -14.80 59.94 5.11
C VAL A 224 -15.21 60.92 6.21
N ARG A 225 -15.55 60.42 7.39
CA ARG A 225 -16.07 61.28 8.44
C ARG A 225 -15.00 62.21 8.99
N LYS A 226 -13.77 61.71 9.14
CA LYS A 226 -12.63 62.50 9.62
C LYS A 226 -12.88 63.10 11.01
N ASP A 227 -13.80 62.50 11.77
CA ASP A 227 -14.10 62.90 13.15
C ASP A 227 -14.01 61.64 14.00
N LYS A 228 -12.80 61.32 14.45
CA LYS A 228 -12.55 60.02 15.08
C LYS A 228 -13.33 59.86 16.38
N LYS A 229 -13.38 60.92 17.19
CA LYS A 229 -14.10 60.84 18.47
C LYS A 229 -15.58 60.62 18.24
N ARG A 230 -16.15 61.27 17.22
CA ARG A 230 -17.55 61.05 16.89
C ARG A 230 -17.74 59.73 16.16
N ALA A 231 -16.76 59.33 15.34
CA ALA A 231 -16.91 58.13 14.54
C ALA A 231 -16.90 56.87 15.40
N LEU A 232 -15.98 56.80 16.37
CA LEU A 232 -15.87 55.61 17.21
C LEU A 232 -17.11 55.41 18.06
N VAL A 233 -17.60 56.48 18.69
CA VAL A 233 -18.73 56.35 19.61
C VAL A 233 -19.99 55.96 18.85
N GLU A 234 -20.01 56.20 17.54
CA GLU A 234 -21.15 55.84 16.71
C GLU A 234 -21.02 54.43 16.15
N ALA A 235 -19.82 54.05 15.74
CA ALA A 235 -19.63 52.73 15.12
C ALA A 235 -19.58 51.63 16.17
N PHE A 236 -19.19 51.97 17.39
CA PHE A 236 -18.99 50.93 18.41
C PHE A 236 -20.33 50.32 18.84
N TYR A 237 -21.33 51.16 19.10
CA TYR A 237 -22.62 50.63 19.53
C TYR A 237 -23.39 50.06 18.34
N ARG A 238 -23.75 50.92 17.39
CA ARG A 238 -24.37 50.52 16.13
C ARG A 238 -25.54 49.56 16.34
N THR A 239 -26.59 50.08 16.97
CA THR A 239 -27.77 49.26 17.23
C THR A 239 -28.36 48.72 15.93
N ASN A 240 -28.16 49.44 14.82
CA ASN A 240 -28.78 49.04 13.56
C ASN A 240 -28.09 47.83 12.95
N LEU A 241 -26.75 47.81 12.94
CA LEU A 241 -26.03 46.75 12.26
C LEU A 241 -24.89 46.20 13.12
N PRO A 242 -24.42 44.99 12.87
CA PRO A 242 -23.29 44.45 13.64
C PRO A 242 -22.09 45.39 13.62
N ASN A 243 -21.41 45.48 14.77
CA ASN A 243 -20.35 46.44 14.98
C ASN A 243 -19.04 45.72 15.22
N MET A 244 -17.99 46.51 15.49
CA MET A 244 -16.69 45.94 15.80
C MET A 244 -16.67 45.34 17.20
N PHE A 245 -17.50 45.88 18.11
CA PHE A 245 -17.55 45.36 19.47
C PHE A 245 -17.92 43.88 19.49
N GLN A 246 -18.93 43.50 18.71
CA GLN A 246 -19.29 42.09 18.61
C GLN A 246 -18.16 41.27 18.03
N VAL A 247 -17.39 41.85 17.10
CA VAL A 247 -16.25 41.13 16.52
C VAL A 247 -15.21 40.84 17.59
N LEU A 248 -14.86 41.84 18.39
CA LEU A 248 -13.88 41.63 19.45
C LEU A 248 -14.39 40.63 20.47
N MET A 249 -15.69 40.69 20.80
CA MET A 249 -16.24 39.74 21.77
C MET A 249 -16.19 38.32 21.23
N THR A 250 -16.52 38.13 19.95
CA THR A 250 -16.52 36.77 19.41
C THR A 250 -15.09 36.25 19.27
N VAL A 251 -14.14 37.11 18.94
CA VAL A 251 -12.74 36.68 18.89
C VAL A 251 -12.28 36.28 20.28
N ALA A 252 -12.68 37.05 21.30
CA ALA A 252 -12.31 36.72 22.67
C ALA A 252 -12.87 35.37 23.10
N ILE A 253 -14.17 35.15 22.87
CA ILE A 253 -14.76 33.89 23.32
C ILE A 253 -14.18 32.72 22.52
N PHE A 254 -13.83 32.96 21.25
CA PHE A 254 -13.21 31.91 20.45
C PHE A 254 -11.86 31.53 21.01
N LEU A 255 -11.00 32.52 21.25
CA LEU A 255 -9.69 32.22 21.83
C LEU A 255 -9.81 31.57 23.20
N PHE A 256 -10.81 31.98 23.98
CA PHE A 256 -10.99 31.40 25.31
C PHE A 256 -11.42 29.94 25.24
N VAL A 257 -12.38 29.64 24.37
CA VAL A 257 -12.88 28.26 24.29
C VAL A 257 -11.86 27.36 23.62
N LEU A 258 -10.94 27.94 22.83
CA LEU A 258 -9.91 27.13 22.20
C LEU A 258 -8.99 26.50 23.24
N TYR A 259 -8.66 27.23 24.31
CA TYR A 259 -7.74 26.70 25.31
C TYR A 259 -8.40 25.62 26.17
N LEU A 260 -9.72 25.72 26.37
CA LEU A 260 -10.40 24.77 27.23
C LEU A 260 -10.34 23.36 26.64
N GLN A 261 -10.37 23.25 25.31
CA GLN A 261 -10.34 21.94 24.68
C GLN A 261 -9.00 21.25 24.90
N GLY A 262 -7.93 22.02 25.10
CA GLY A 262 -6.62 21.42 25.29
C GLY A 262 -6.52 20.60 26.57
N PHE A 263 -7.40 20.86 27.52
CA PHE A 263 -7.39 20.11 28.77
C PHE A 263 -7.73 18.65 28.52
N ARG A 264 -7.05 17.77 29.25
CA ARG A 264 -7.23 16.34 29.08
C ARG A 264 -6.71 15.63 30.32
N TYR A 265 -7.19 14.39 30.51
CA TYR A 265 -6.74 13.54 31.59
C TYR A 265 -5.98 12.35 31.02
N GLU A 266 -4.75 12.15 31.49
CA GLU A 266 -3.86 11.13 30.96
C GLU A 266 -3.67 10.03 31.98
N LEU A 267 -3.76 8.79 31.53
CA LEU A 267 -3.52 7.62 32.37
C LEU A 267 -2.50 6.70 31.70
N PRO A 268 -1.44 6.31 32.40
CA PRO A 268 -0.41 5.47 31.77
C PRO A 268 -0.85 4.02 31.69
N ILE A 269 -0.39 3.34 30.63
CA ILE A 269 -0.73 1.95 30.39
C ILE A 269 0.52 1.19 30.02
N ARG A 270 0.48 -0.13 30.25
CA ARG A 270 1.57 -1.02 29.89
C ARG A 270 0.99 -2.30 29.31
N SER A 271 1.79 -2.95 28.46
CA SER A 271 1.38 -4.16 27.77
C SER A 271 1.86 -5.41 28.52
N THR A 272 1.06 -6.47 28.44
CA THR A 272 1.36 -7.72 29.12
C THR A 272 1.68 -8.88 28.19
N LYS A 273 1.06 -8.96 27.01
CA LYS A 273 1.38 -10.04 26.08
C LYS A 273 2.75 -9.83 25.45
N VAL A 274 2.99 -8.67 24.88
CA VAL A 274 4.30 -8.29 24.34
C VAL A 274 4.87 -7.21 25.26
N ARG A 275 6.00 -7.52 25.89
CA ARG A 275 6.58 -6.60 26.86
C ARG A 275 7.42 -5.55 26.17
N GLY A 276 7.51 -4.38 26.82
CA GLY A 276 8.24 -3.26 26.26
C GLY A 276 7.38 -2.23 25.57
N GLN A 277 6.06 -2.40 25.56
CA GLN A 277 5.14 -1.47 24.91
C GLN A 277 4.48 -0.63 26.02
N ILE A 278 5.04 0.55 26.26
CA ILE A 278 4.51 1.48 27.25
C ILE A 278 3.87 2.65 26.49
N GLY A 279 2.64 2.97 26.87
CA GLY A 279 1.91 4.02 26.18
C GLY A 279 1.12 4.94 27.09
N ILE A 280 0.32 5.81 26.50
CA ILE A 280 -0.48 6.79 27.24
C ILE A 280 -1.88 6.81 26.65
N TYR A 281 -2.88 6.83 27.52
CA TYR A 281 -4.27 6.89 27.07
C TYR A 281 -4.90 8.16 27.61
N PRO A 282 -5.05 9.21 26.79
CA PRO A 282 -5.64 10.45 27.27
C PRO A 282 -7.16 10.48 27.17
N ILE A 283 -7.77 11.16 28.12
CA ILE A 283 -9.21 11.35 28.17
C ILE A 283 -9.50 12.84 28.16
N LYS A 284 -10.24 13.29 27.15
CA LYS A 284 -10.55 14.71 27.00
C LYS A 284 -11.71 15.11 27.90
N LEU A 285 -11.70 16.38 28.32
CA LEU A 285 -12.80 16.89 29.12
C LEU A 285 -14.10 16.89 28.34
N PHE A 286 -14.01 17.11 27.02
CA PHE A 286 -15.16 17.01 26.13
C PHE A 286 -15.12 15.65 25.46
N TYR A 287 -15.66 14.63 26.11
CA TYR A 287 -15.67 13.30 25.51
C TYR A 287 -16.51 13.29 24.24
N THR A 288 -17.63 14.00 24.25
CA THR A 288 -18.45 14.20 23.05
C THR A 288 -18.73 15.70 22.97
N SER A 289 -17.93 16.39 22.15
CA SER A 289 -17.97 17.86 22.14
C SER A 289 -19.12 18.38 21.29
N ASN A 290 -19.20 17.96 20.04
CA ASN A 290 -20.15 18.58 19.11
C ASN A 290 -21.57 18.10 19.36
N THR A 291 -21.72 16.86 19.81
CA THR A 291 -23.03 16.19 19.87
C THR A 291 -24.05 16.90 20.76
N PRO A 292 -23.75 17.23 22.02
CA PRO A 292 -24.82 17.66 22.93
C PRO A 292 -25.47 18.97 22.52
N ILE A 293 -24.67 19.96 22.14
CA ILE A 293 -25.22 21.27 21.79
C ILE A 293 -26.08 21.16 20.54
N MET A 294 -25.66 20.35 19.57
CA MET A 294 -26.45 20.18 18.36
C MET A 294 -27.76 19.45 18.65
N LEU A 295 -27.72 18.43 19.50
CA LEU A 295 -28.95 17.75 19.88
C LEU A 295 -29.91 18.69 20.59
N GLN A 296 -29.40 19.51 21.50
CA GLN A 296 -30.25 20.46 22.20
C GLN A 296 -30.86 21.47 21.23
N SER A 297 -30.05 21.97 20.29
CA SER A 297 -30.56 22.92 19.30
C SER A 297 -31.64 22.28 18.43
N ALA A 298 -31.45 21.02 18.04
CA ALA A 298 -32.46 20.33 17.24
C ALA A 298 -33.77 20.19 18.00
N LEU A 299 -33.68 19.77 19.27
CA LEU A 299 -34.89 19.65 20.09
C LEU A 299 -35.61 20.97 20.21
N THR A 300 -34.85 22.05 20.49
CA THR A 300 -35.45 23.38 20.56
C THR A 300 -36.14 23.75 19.25
N SER A 301 -35.50 23.45 18.11
CA SER A 301 -36.10 23.79 16.84
C SER A 301 -37.42 23.06 16.63
N ASN A 302 -37.45 21.76 16.91
CA ASN A 302 -38.69 21.00 16.70
C ASN A 302 -39.80 21.51 17.62
N ILE A 303 -39.50 21.74 18.90
CA ILE A 303 -40.56 22.15 19.81
C ILE A 303 -41.06 23.55 19.45
N PHE A 304 -40.15 24.45 19.07
CA PHE A 304 -40.56 25.79 18.68
C PHE A 304 -41.45 25.75 17.44
N LEU A 305 -41.09 24.94 16.45
CA LEU A 305 -41.87 24.89 15.22
C LEU A 305 -43.25 24.28 15.48
N ILE A 306 -43.32 23.22 16.28
CA ILE A 306 -44.61 22.60 16.53
C ILE A 306 -45.51 23.53 17.34
N SER A 307 -44.93 24.25 18.31
CA SER A 307 -45.71 25.22 19.06
C SER A 307 -46.21 26.35 18.17
N GLN A 308 -45.36 26.82 17.25
CA GLN A 308 -45.77 27.87 16.33
C GLN A 308 -46.93 27.43 15.46
N ILE A 309 -46.84 26.24 14.86
CA ILE A 309 -47.90 25.81 13.95
C ILE A 309 -49.18 25.53 14.73
N LEU A 310 -49.06 25.05 15.97
CA LEU A 310 -50.27 24.80 16.77
C LEU A 310 -50.92 26.11 17.20
N PHE A 311 -50.12 27.12 17.55
CA PHE A 311 -50.67 28.42 17.91
C PHE A 311 -51.30 29.10 16.70
N GLN A 312 -50.78 28.83 15.50
CA GLN A 312 -51.32 29.47 14.31
C GLN A 312 -52.62 28.78 13.86
N LYS A 313 -52.65 27.44 13.91
CA LYS A 313 -53.79 26.73 13.36
C LYS A 313 -55.07 27.01 14.12
N TYR A 314 -55.00 27.04 15.45
CA TYR A 314 -56.18 27.25 16.29
C TYR A 314 -56.06 28.58 17.01
N PRO A 315 -57.10 29.41 17.02
CA PRO A 315 -56.98 30.73 17.66
C PRO A 315 -56.84 30.67 19.17
N THR A 316 -57.74 29.96 19.86
CA THR A 316 -57.77 29.96 21.32
C THR A 316 -58.07 28.56 21.83
N ASN A 317 -57.26 28.09 22.77
CA ASN A 317 -57.42 26.81 23.44
C ASN A 317 -56.63 26.87 24.73
N PRO A 318 -57.05 26.18 25.78
CA PRO A 318 -56.28 26.21 27.04
C PRO A 318 -54.89 25.61 26.90
N LEU A 319 -54.79 24.41 26.34
CA LEU A 319 -53.49 23.75 26.21
C LEU A 319 -52.62 24.45 25.18
N ILE A 320 -53.23 25.00 24.12
CA ILE A 320 -52.45 25.70 23.10
C ILE A 320 -51.86 26.98 23.69
N ARG A 321 -52.67 27.72 24.46
CA ARG A 321 -52.14 28.91 25.11
C ARG A 321 -51.15 28.54 26.21
N LEU A 322 -51.28 27.34 26.77
CA LEU A 322 -50.33 26.90 27.79
C LEU A 322 -48.97 26.59 27.18
N ILE A 323 -48.95 25.93 26.02
CA ILE A 323 -47.68 25.56 25.41
C ILE A 323 -46.95 26.81 24.90
N GLY A 324 -47.69 27.89 24.68
CA GLY A 324 -47.06 29.13 24.27
C GLY A 324 -48.00 30.14 23.65
N VAL A 325 -47.74 31.42 23.89
CA VAL A 325 -48.46 32.51 23.25
C VAL A 325 -47.48 33.32 22.43
N TRP A 326 -47.90 33.75 21.26
CA TRP A 326 -47.03 34.46 20.32
C TRP A 326 -47.52 35.88 20.09
N GLY A 327 -46.60 36.83 20.13
CA GLY A 327 -46.90 38.22 19.89
C GLY A 327 -45.65 38.95 19.47
N ILE A 328 -45.78 40.27 19.32
CA ILE A 328 -44.64 41.10 18.93
C ILE A 328 -43.75 41.40 20.12
N GLN A 336 -41.66 38.84 15.52
CA GLN A 336 -42.48 37.91 16.28
C GLN A 336 -41.62 37.12 17.27
N MET A 337 -42.17 36.88 18.45
CA MET A 337 -41.49 36.11 19.48
C MET A 337 -42.52 35.46 20.38
N ALA A 338 -42.15 34.33 20.97
CA ALA A 338 -43.02 33.64 21.91
C ALA A 338 -42.89 34.25 23.30
N LEU A 339 -44.01 34.34 24.01
CA LEU A 339 -44.02 34.96 25.33
C LEU A 339 -45.20 34.41 26.12
N SER A 340 -45.00 34.32 27.43
CA SER A 340 -46.03 33.86 28.37
C SER A 340 -46.52 32.46 27.99
N GLY A 341 -45.59 31.51 28.06
CA GLY A 341 -45.93 30.14 27.73
C GLY A 341 -44.74 29.23 27.97
N LEU A 342 -44.92 27.97 27.59
CA LEU A 342 -43.82 27.01 27.72
C LEU A 342 -42.66 27.38 26.83
N ALA A 343 -42.94 27.78 25.59
CA ALA A 343 -41.87 28.23 24.70
C ALA A 343 -41.19 29.49 25.20
N TYR A 344 -41.87 30.29 26.01
CA TYR A 344 -41.30 31.53 26.51
C TYR A 344 -40.09 31.25 27.40
N TYR A 345 -40.10 30.13 28.12
CA TYR A 345 -38.96 29.80 28.99
C TYR A 345 -37.80 29.22 28.20
N ILE A 346 -38.09 28.34 27.24
CA ILE A 346 -37.02 27.60 26.56
C ILE A 346 -36.32 28.42 25.49
N GLN A 347 -36.94 29.47 24.97
CA GLN A 347 -36.27 30.27 23.95
C GLN A 347 -35.09 31.02 24.55
N PRO A 348 -34.03 31.23 23.79
CA PRO A 348 -32.81 31.79 24.38
C PRO A 348 -32.95 33.27 24.71
N LEU A 349 -31.97 33.77 25.46
CA LEU A 349 -31.92 35.17 25.80
C LEU A 349 -31.27 35.97 24.68
N MET A 350 -31.69 37.22 24.53
CA MET A 350 -31.10 38.09 23.51
C MET A 350 -29.85 38.79 24.03
N SER A 351 -29.99 39.53 25.13
CA SER A 351 -28.87 40.26 25.72
C SER A 351 -29.05 40.29 27.23
N LEU A 352 -28.19 41.06 27.89
CA LEU A 352 -28.23 41.17 29.35
C LEU A 352 -29.51 41.84 29.84
N SER A 353 -30.18 42.61 28.98
CA SER A 353 -31.42 43.26 29.38
C SER A 353 -32.50 42.23 29.74
N GLU A 354 -32.74 41.28 28.84
CA GLU A 354 -33.72 40.24 29.12
C GLU A 354 -33.31 39.38 30.30
N ALA A 355 -32.01 39.28 30.55
CA ALA A 355 -31.54 38.54 31.73
C ALA A 355 -31.89 39.27 33.01
N LEU A 356 -31.58 40.57 33.08
CA LEU A 356 -31.85 41.33 34.29
C LEU A 356 -33.33 41.63 34.48
N LEU A 357 -34.14 41.49 33.42
CA LEU A 357 -35.57 41.77 33.54
C LEU A 357 -36.25 40.78 34.47
N ASP A 358 -36.23 39.50 34.13
CA ASP A 358 -36.89 38.48 34.94
C ASP A 358 -35.89 37.39 35.32
N PRO A 359 -35.56 37.24 36.61
CA PRO A 359 -34.53 36.25 36.99
C PRO A 359 -35.02 34.83 36.93
N ILE A 360 -36.31 34.57 37.18
CA ILE A 360 -36.81 33.20 37.21
C ILE A 360 -36.68 32.55 35.84
N LYS A 361 -36.96 33.31 34.78
CA LYS A 361 -36.81 32.78 33.42
C LYS A 361 -35.36 32.41 33.15
N THR A 362 -34.42 33.27 33.52
CA THR A 362 -33.01 32.97 33.33
C THR A 362 -32.61 31.72 34.11
N ILE A 363 -33.11 31.59 35.34
CA ILE A 363 -32.77 30.44 36.16
C ILE A 363 -33.25 29.16 35.50
N VAL A 364 -34.53 29.11 35.13
CA VAL A 364 -35.06 27.88 34.55
C VAL A 364 -34.40 27.58 33.22
N TYR A 365 -34.10 28.62 32.43
CA TYR A 365 -33.47 28.42 31.14
C TYR A 365 -32.07 27.84 31.28
N ILE A 366 -31.26 28.42 32.17
CA ILE A 366 -29.90 27.93 32.38
C ILE A 366 -29.93 26.50 32.91
N THR A 367 -30.80 26.23 33.88
CA THR A 367 -30.88 24.89 34.45
C THR A 367 -31.27 23.88 33.38
N PHE A 368 -32.25 24.22 32.54
CA PHE A 368 -32.67 23.30 31.49
C PHE A 368 -31.56 23.06 30.47
N VAL A 369 -30.92 24.14 30.01
CA VAL A 369 -29.93 23.96 28.94
C VAL A 369 -28.72 23.21 29.48
N LEU A 370 -28.42 23.31 30.78
CA LEU A 370 -27.33 22.52 31.32
C LEU A 370 -27.74 21.05 31.49
N GLY A 371 -28.88 20.80 32.14
CA GLY A 371 -29.29 19.44 32.40
C GLY A 371 -29.55 18.65 31.12
N SER A 372 -30.03 19.32 30.08
CA SER A 372 -30.30 18.65 28.82
C SER A 372 -29.03 18.03 28.25
N CYS A 373 -27.98 18.83 28.09
CA CYS A 373 -26.72 18.30 27.60
C CYS A 373 -26.13 17.29 28.58
N ALA A 374 -26.30 17.53 29.89
CA ALA A 374 -25.77 16.63 30.89
C ALA A 374 -26.34 15.23 30.73
N VAL A 375 -27.65 15.12 30.49
CA VAL A 375 -28.26 13.80 30.34
C VAL A 375 -28.05 13.27 28.93
N PHE A 376 -27.92 14.17 27.94
CA PHE A 376 -27.75 13.72 26.56
C PHE A 376 -26.39 13.09 26.34
N SER A 377 -25.35 13.61 26.97
CA SER A 377 -24.02 13.03 26.80
C SER A 377 -23.94 11.64 27.39
N LYS A 378 -24.48 11.46 28.60
CA LYS A 378 -24.44 10.15 29.25
C LYS A 378 -25.26 9.12 28.47
N THR A 379 -26.26 9.58 27.71
CA THR A 379 -27.07 8.65 26.95
C THR A 379 -26.44 8.36 25.58
N TRP A 380 -25.76 9.36 25.01
CA TRP A 380 -25.16 9.19 23.69
C TRP A 380 -23.89 8.35 23.77
N ILE A 381 -23.17 8.45 24.90
CA ILE A 381 -21.89 7.73 25.02
C ILE A 381 -22.13 6.22 24.95
N GLU A 382 -23.31 5.77 25.38
CA GLU A 382 -23.61 4.34 25.36
C GLU A 382 -23.82 3.85 23.93
N ILE A 383 -24.72 4.49 23.18
CA ILE A 383 -25.05 4.02 21.85
C ILE A 383 -23.90 4.28 20.88
N SER A 384 -23.06 5.27 21.19
CA SER A 384 -21.92 5.56 20.32
C SER A 384 -20.92 4.41 20.32
N GLY A 385 -20.95 3.57 21.34
CA GLY A 385 -20.02 2.47 21.45
C GLY A 385 -18.79 2.75 22.27
N THR A 386 -18.65 3.95 22.82
CA THR A 386 -17.49 4.32 23.63
C THR A 386 -17.77 4.25 25.12
N SER A 387 -18.66 3.37 25.56
CA SER A 387 -18.95 3.20 26.97
C SER A 387 -17.68 2.76 27.72
N PRO A 388 -17.57 3.08 29.00
CA PRO A 388 -16.42 2.57 29.77
C PRO A 388 -16.30 1.06 29.74
N ARG A 389 -17.42 0.35 29.68
CA ARG A 389 -17.37 -1.11 29.56
C ARG A 389 -16.77 -1.52 28.22
N ASP A 390 -17.16 -0.85 27.13
CA ASP A 390 -16.65 -1.21 25.82
C ASP A 390 -15.16 -0.93 25.70
N ILE A 391 -14.71 0.22 26.19
CA ILE A 391 -13.29 0.53 26.13
C ILE A 391 -12.50 -0.35 27.10
N ALA A 392 -13.15 -0.80 28.18
CA ALA A 392 -12.51 -1.75 29.07
C ALA A 392 -12.30 -3.09 28.38
N LYS A 393 -13.32 -3.56 27.64
CA LYS A 393 -13.16 -4.79 26.87
C LYS A 393 -12.09 -4.62 25.79
N GLN A 394 -12.02 -3.44 25.18
CA GLN A 394 -10.95 -3.16 24.21
C GLN A 394 -9.58 -3.23 24.87
N PHE A 395 -9.47 -2.72 26.10
CA PHE A 395 -8.22 -2.85 26.84
C PHE A 395 -7.90 -4.31 27.12
N LYS A 396 -8.92 -5.11 27.44
CA LYS A 396 -8.71 -6.54 27.64
C LYS A 396 -8.17 -7.19 26.38
N ASP A 397 -8.72 -6.83 25.22
CA ASP A 397 -8.22 -7.40 23.97
C ASP A 397 -6.79 -6.96 23.69
N GLN A 398 -6.51 -5.67 23.83
CA GLN A 398 -5.15 -5.18 23.60
C GLN A 398 -4.21 -5.64 24.71
N GLY A 399 -4.72 -5.81 25.92
CA GLY A 399 -3.90 -6.18 27.05
C GLY A 399 -3.26 -5.04 27.79
N MET A 400 -3.55 -3.79 27.39
CA MET A 400 -2.98 -2.64 28.07
C MET A 400 -3.55 -2.53 29.48
N VAL A 401 -2.66 -2.46 30.47
CA VAL A 401 -3.05 -2.38 31.87
C VAL A 401 -2.32 -1.21 32.52
N ILE A 402 -2.89 -0.71 33.61
CA ILE A 402 -2.28 0.40 34.33
C ILE A 402 -1.01 -0.06 35.01
N ASN A 403 -0.02 0.83 35.09
CA ASN A 403 1.25 0.48 35.71
C ASN A 403 1.06 0.13 37.19
N GLY A 404 0.24 0.91 37.91
CA GLY A 404 0.09 0.71 39.32
C GLY A 404 -1.24 0.18 39.80
N LYS A 405 -2.20 -0.06 38.90
CA LYS A 405 -3.54 -0.48 39.29
C LYS A 405 -3.75 -1.93 38.90
N ARG A 406 -4.62 -2.62 39.65
CA ARG A 406 -4.87 -4.03 39.42
C ARG A 406 -5.83 -4.23 38.25
N GLU A 407 -6.30 -5.47 38.11
CA GLU A 407 -7.15 -5.82 36.96
C GLU A 407 -8.48 -5.10 37.00
N THR A 408 -9.29 -5.33 38.04
CA THR A 408 -10.60 -4.71 38.10
C THR A 408 -10.51 -3.23 38.44
N SER A 409 -9.35 -2.80 38.94
CA SER A 409 -9.15 -1.40 39.27
C SER A 409 -9.28 -0.51 38.03
N ILE A 410 -8.80 -1.00 36.88
CA ILE A 410 -8.89 -0.23 35.65
C ILE A 410 -10.36 0.02 35.29
N TYR A 411 -11.17 -1.02 35.33
CA TYR A 411 -12.58 -0.87 34.97
C TYR A 411 -13.32 -0.02 36.00
N ARG A 412 -12.98 -0.18 37.28
CA ARG A 412 -13.62 0.63 38.32
C ARG A 412 -13.22 2.10 38.22
N GLU A 413 -12.03 2.39 37.71
CA GLU A 413 -11.63 3.79 37.50
C GLU A 413 -12.28 4.34 36.24
N LEU A 414 -12.41 3.53 35.19
CA LEU A 414 -13.14 3.96 34.00
C LEU A 414 -14.57 4.32 34.35
N LYS A 415 -15.25 3.46 35.11
CA LYS A 415 -16.59 3.80 35.59
C LYS A 415 -16.56 5.03 36.49
N LYS A 416 -15.40 5.33 37.08
CA LYS A 416 -15.31 6.47 37.99
C LYS A 416 -15.02 7.75 37.22
N ILE A 417 -14.40 7.66 36.05
CA ILE A 417 -13.91 8.83 35.32
C ILE A 417 -14.77 9.16 34.12
N ILE A 418 -14.98 8.20 33.22
CA ILE A 418 -15.60 8.44 31.93
C ILE A 418 -16.99 9.05 32.07
N PRO A 419 -17.92 8.50 32.87
CA PRO A 419 -19.25 9.10 32.96
C PRO A 419 -19.23 10.50 33.55
N THR A 420 -18.42 10.70 34.59
CA THR A 420 -18.30 12.03 35.18
C THR A 420 -17.70 13.02 34.18
N ALA A 421 -16.71 12.57 33.41
CA ALA A 421 -16.13 13.44 32.39
C ALA A 421 -17.16 13.82 31.35
N ALA A 422 -17.96 12.86 30.89
CA ALA A 422 -18.99 13.15 29.89
C ALA A 422 -20.01 14.14 30.45
N ALA A 423 -20.45 13.93 31.70
CA ALA A 423 -21.42 14.84 32.30
C ALA A 423 -20.85 16.25 32.43
N PHE A 424 -19.61 16.36 32.90
CA PHE A 424 -19.01 17.68 33.07
C PHE A 424 -18.82 18.38 31.74
N GLY A 425 -18.45 17.63 30.69
CA GLY A 425 -18.33 18.23 29.37
C GLY A 425 -19.66 18.70 28.84
N GLY A 426 -20.71 17.88 28.99
CA GLY A 426 -22.04 18.30 28.56
C GLY A 426 -22.51 19.55 29.27
N ALA A 427 -22.26 19.64 30.58
CA ALA A 427 -22.64 20.84 31.32
C ALA A 427 -21.81 22.05 30.89
N THR A 428 -20.51 21.86 30.67
CA THR A 428 -19.64 22.97 30.33
C THR A 428 -19.98 23.54 28.96
N ILE A 429 -20.38 22.67 28.03
CA ILE A 429 -20.75 23.16 26.70
C ILE A 429 -21.96 24.07 26.78
N GLY A 430 -22.99 23.66 27.51
CA GLY A 430 -24.16 24.50 27.67
C GLY A 430 -23.84 25.79 28.40
N ALA A 431 -22.98 25.72 29.41
CA ALA A 431 -22.60 26.94 30.14
C ALA A 431 -21.87 27.92 29.22
N LEU A 432 -20.94 27.42 28.41
CA LEU A 432 -20.24 28.29 27.47
C LEU A 432 -21.19 28.87 26.44
N SER A 433 -22.16 28.08 25.99
CA SER A 433 -23.12 28.59 25.01
C SER A 433 -23.96 29.72 25.60
N VAL A 434 -24.47 29.54 26.82
CA VAL A 434 -25.30 30.59 27.42
C VAL A 434 -24.44 31.81 27.75
N GLY A 435 -23.17 31.60 28.08
CA GLY A 435 -22.29 32.73 28.33
C GLY A 435 -22.01 33.53 27.07
N SER A 436 -21.75 32.84 25.96
CA SER A 436 -21.55 33.54 24.69
C SER A 436 -22.81 34.26 24.27
N ASP A 437 -23.98 33.67 24.53
CA ASP A 437 -25.23 34.35 24.22
C ASP A 437 -25.38 35.61 25.06
N LEU A 438 -25.02 35.55 26.34
CA LEU A 438 -25.06 36.73 27.19
C LEU A 438 -24.08 37.80 26.71
N LEU A 439 -22.93 37.37 26.18
CA LEU A 439 -21.93 38.32 25.71
C LEU A 439 -22.44 39.13 24.53
N GLY A 440 -23.45 38.62 23.82
CA GLY A 440 -23.99 39.34 22.67
C GLY A 440 -23.08 39.29 21.47
N THR A 441 -22.66 38.09 21.06
CA THR A 441 -21.81 37.95 19.90
C THR A 441 -22.59 38.26 18.62
N LEU A 442 -21.85 38.54 17.56
CA LEU A 442 -22.48 38.91 16.29
C LEU A 442 -23.27 37.75 15.70
N GLY A 443 -22.70 36.54 15.76
CA GLY A 443 -23.41 35.38 15.26
C GLY A 443 -24.27 34.74 16.32
N SER A 444 -24.75 33.54 16.02
CA SER A 444 -25.47 32.75 17.01
C SER A 444 -24.54 32.40 18.16
N GLY A 445 -25.11 32.23 19.36
CA GLY A 445 -24.31 31.96 20.53
C GLY A 445 -23.54 30.65 20.42
N ALA A 446 -24.23 29.56 20.09
CA ALA A 446 -23.58 28.25 20.06
C ALA A 446 -22.85 28.00 18.75
N SER A 447 -23.01 28.92 17.78
CA SER A 447 -22.43 28.70 16.46
C SER A 447 -20.91 28.71 16.52
N ILE A 448 -20.33 29.70 17.21
CA ILE A 448 -18.88 29.77 17.31
C ILE A 448 -18.35 28.56 18.06
N LEU A 449 -19.05 28.13 19.11
CA LEU A 449 -18.65 26.92 19.84
C LEU A 449 -18.60 25.72 18.91
N MET A 450 -19.66 25.52 18.12
CA MET A 450 -19.68 24.39 17.18
C MET A 450 -18.53 24.48 16.19
N ALA A 451 -18.26 25.69 15.69
CA ALA A 451 -17.14 25.86 14.75
C ALA A 451 -15.82 25.43 15.39
N THR A 452 -15.56 25.90 16.61
CA THR A 452 -14.33 25.52 17.28
C THR A 452 -14.22 24.02 17.47
N THR A 453 -15.28 23.39 18.00
CA THR A 453 -15.19 21.95 18.25
C THR A 453 -14.95 21.17 16.96
N THR A 454 -15.68 21.51 15.89
CA THR A 454 -15.50 20.77 14.64
C THR A 454 -14.12 20.97 14.05
N ILE A 455 -13.63 22.22 14.04
CA ILE A 455 -12.32 22.47 13.45
C ILE A 455 -11.23 21.76 14.24
N TYR A 456 -11.31 21.79 15.57
CA TYR A 456 -10.30 21.10 16.36
C TYR A 456 -10.38 19.60 16.17
N GLY A 457 -11.59 19.06 16.07
CA GLY A 457 -11.73 17.63 15.81
C GLY A 457 -11.06 17.22 14.50
N TYR A 458 -11.33 17.97 13.42
CA TYR A 458 -10.73 17.62 12.14
C TYR A 458 -9.22 17.81 12.17
N TYR A 459 -8.73 18.85 12.85
CA TYR A 459 -7.30 19.06 12.94
C TYR A 459 -6.62 17.91 13.68
N GLU A 460 -7.21 17.50 14.81
CA GLU A 460 -6.61 16.40 15.58
C GLU A 460 -6.67 15.09 14.80
N ALA A 461 -7.75 14.87 14.04
CA ALA A 461 -7.82 13.66 13.22
C ALA A 461 -6.75 13.67 12.14
N ALA A 462 -6.55 14.82 11.48
CA ALA A 462 -5.52 14.90 10.45
C ALA A 462 -4.13 14.73 11.05
N ALA A 463 -3.91 15.25 12.26
CA ALA A 463 -2.61 15.10 12.91
C ALA A 463 -2.36 13.65 13.31
N LYS A 464 -3.40 12.97 13.78
CA LYS A 464 -3.24 11.57 14.17
C LYS A 464 -3.00 10.68 12.95
N GLU A 465 -3.69 10.96 11.85
CA GLU A 465 -3.47 10.18 10.64
C GLU A 465 -2.12 10.50 10.02
N GLY A 466 -1.66 11.74 10.17
CA GLY A 466 -0.38 12.15 9.63
C GLY A 466 -0.47 12.68 8.22
N GLY A 467 0.64 13.23 7.76
CA GLY A 467 0.71 13.79 6.41
C GLY A 467 0.43 15.27 6.36
N ARG B 51 -25.94 -0.17 -4.38
CA ARG B 51 -24.65 -0.22 -5.05
C ARG B 51 -24.43 1.02 -5.92
N VAL B 52 -23.89 2.07 -5.31
CA VAL B 52 -23.69 3.34 -6.00
C VAL B 52 -22.23 3.78 -5.83
N ASP B 53 -21.64 4.30 -6.89
CA ASP B 53 -20.29 4.84 -6.87
C ASP B 53 -20.31 6.34 -6.61
N PRO B 54 -19.22 6.91 -6.10
CA PRO B 54 -19.22 8.35 -5.80
C PRO B 54 -19.51 9.23 -7.00
N LEU B 55 -18.91 8.93 -8.16
CA LEU B 55 -19.14 9.75 -9.34
C LEU B 55 -20.61 9.77 -9.73
N VAL B 56 -21.34 8.70 -9.45
CA VAL B 56 -22.78 8.70 -9.70
C VAL B 56 -23.47 9.72 -8.82
N VAL B 57 -23.11 9.79 -7.53
CA VAL B 57 -23.71 10.76 -6.63
C VAL B 57 -23.40 12.18 -7.09
N LEU B 58 -22.16 12.42 -7.50
CA LEU B 58 -21.80 13.75 -7.98
C LEU B 58 -22.56 14.12 -9.24
N PHE B 59 -22.72 13.15 -10.15
CA PHE B 59 -23.47 13.42 -11.38
C PHE B 59 -24.92 13.73 -11.07
N LEU B 60 -25.53 12.99 -10.14
CA LEU B 60 -26.91 13.29 -9.75
C LEU B 60 -27.03 14.69 -9.17
N ALA B 61 -26.12 15.06 -8.25
CA ALA B 61 -26.23 16.37 -7.62
C ALA B 61 -26.08 17.49 -8.65
N VAL B 62 -25.08 17.40 -9.53
CA VAL B 62 -24.87 18.45 -10.51
C VAL B 62 -26.02 18.48 -11.52
N GLY B 63 -26.54 17.32 -11.90
CA GLY B 63 -27.66 17.29 -12.80
C GLY B 63 -28.91 17.91 -12.20
N PHE B 64 -29.12 17.71 -10.90
CA PHE B 64 -30.27 18.31 -10.25
C PHE B 64 -30.14 19.83 -10.17
N ILE B 65 -28.95 20.32 -9.79
CA ILE B 65 -28.72 21.76 -9.81
C ILE B 65 -28.96 22.32 -11.20
N PHE B 66 -28.46 21.63 -12.22
CA PHE B 66 -28.66 22.05 -13.60
C PHE B 66 -30.14 22.09 -13.95
N SER B 67 -30.91 21.08 -13.49
CA SER B 67 -32.34 21.05 -13.80
C SER B 67 -33.07 22.21 -13.16
N VAL B 68 -32.71 22.55 -11.92
CA VAL B 68 -33.38 23.68 -11.26
C VAL B 68 -33.07 24.98 -11.96
N VAL B 69 -31.79 25.21 -12.29
CA VAL B 69 -31.44 26.45 -12.98
C VAL B 69 -32.09 26.50 -14.37
N ALA B 70 -32.22 25.34 -15.02
CA ALA B 70 -32.87 25.30 -16.32
C ALA B 70 -34.35 25.65 -16.20
N LEU B 71 -35.01 25.16 -15.15
CA LEU B 71 -36.40 25.52 -14.93
C LEU B 71 -36.53 27.03 -14.71
N HIS B 72 -35.63 27.61 -13.91
CA HIS B 72 -35.66 29.05 -13.70
C HIS B 72 -35.51 29.80 -15.03
N VAL B 73 -34.57 29.37 -15.87
CA VAL B 73 -34.28 30.14 -17.08
C VAL B 73 -35.39 29.96 -18.11
N ILE B 74 -36.02 28.79 -18.15
CA ILE B 74 -37.13 28.62 -19.09
C ILE B 74 -38.33 29.42 -18.63
N SER B 75 -38.55 29.51 -17.31
CA SER B 75 -39.57 30.40 -16.79
C SER B 75 -39.30 31.84 -17.21
N LYS B 76 -38.05 32.29 -17.07
CA LYS B 76 -37.73 33.67 -17.40
C LYS B 76 -37.92 33.95 -18.88
N VAL B 77 -37.48 33.04 -19.75
CA VAL B 77 -37.59 33.29 -21.18
C VAL B 77 -39.05 33.21 -21.63
N ALA B 78 -39.85 32.37 -20.97
CA ALA B 78 -41.28 32.31 -21.30
C ALA B 78 -41.98 33.58 -20.85
N GLY B 79 -41.59 34.13 -19.70
CA GLY B 79 -42.19 35.37 -19.25
C GLY B 79 -41.78 36.56 -20.11
N LYS B 80 -40.53 36.59 -20.55
CA LYS B 80 -40.06 37.73 -21.34
C LYS B 80 -40.54 37.66 -22.78
N LEU B 81 -40.69 36.44 -23.32
CA LEU B 81 -41.10 36.31 -24.71
C LEU B 81 -42.56 36.69 -24.90
N PHE B 82 -43.46 36.05 -24.17
CA PHE B 82 -44.88 36.32 -24.30
C PHE B 82 -45.46 36.96 -23.04
N VAL C 26 -25.79 18.75 44.70
CA VAL C 26 -24.55 19.04 45.39
C VAL C 26 -23.54 17.93 45.13
N GLU C 27 -24.05 16.72 44.90
CA GLU C 27 -23.16 15.60 44.57
C GLU C 27 -22.56 15.78 43.18
N PHE C 28 -23.33 16.37 42.25
CA PHE C 28 -22.83 16.58 40.89
C PHE C 28 -21.62 17.50 40.89
N VAL C 29 -21.74 18.67 41.54
CA VAL C 29 -20.59 19.57 41.63
C VAL C 29 -19.50 18.96 42.49
N ARG C 30 -19.87 18.08 43.42
CA ARG C 30 -18.87 17.38 44.22
C ARG C 30 -17.96 16.52 43.35
N GLU C 31 -18.55 15.77 42.42
CA GLU C 31 -17.73 14.98 41.49
C GLU C 31 -17.01 15.89 40.49
N GLY C 32 -17.68 16.96 40.06
CA GLY C 32 -17.09 17.84 39.08
C GLY C 32 -15.84 18.53 39.57
N THR C 33 -15.85 19.00 40.82
CA THR C 33 -14.68 19.68 41.36
C THR C 33 -13.52 18.73 41.54
N GLN C 34 -13.79 17.48 41.94
CA GLN C 34 -12.73 16.49 42.02
C GLN C 34 -12.14 16.20 40.65
N PHE C 35 -13.00 16.07 39.64
CA PHE C 35 -12.48 15.77 38.30
C PHE C 35 -11.68 16.93 37.75
N LEU C 36 -12.12 18.16 37.98
CA LEU C 36 -11.38 19.31 37.44
C LEU C 36 -10.08 19.52 38.20
N ALA C 37 -10.05 19.18 39.48
CA ALA C 37 -8.77 19.17 40.20
C ALA C 37 -7.88 18.05 39.67
N LYS C 38 -8.47 16.98 39.16
CA LYS C 38 -7.69 15.84 38.69
C LYS C 38 -7.03 16.10 37.35
N CYS C 39 -7.72 16.81 36.45
CA CYS C 39 -7.25 16.94 35.08
C CYS C 39 -6.03 17.85 35.01
N LYS C 40 -5.21 17.63 33.99
CA LYS C 40 -3.99 18.40 33.79
C LYS C 40 -4.28 19.68 32.99
N LYS C 41 -3.33 20.61 33.04
CA LYS C 41 -3.41 21.87 32.33
C LYS C 41 -2.40 21.89 31.19
N PRO C 42 -2.81 22.29 29.99
CA PRO C 42 -1.86 22.29 28.86
C PRO C 42 -0.88 23.45 28.96
N ASP C 43 0.26 23.29 28.28
CA ASP C 43 1.30 24.30 28.29
C ASP C 43 0.95 25.47 27.37
N LEU C 44 1.77 26.52 27.43
CA LEU C 44 1.52 27.70 26.61
C LEU C 44 2.06 27.50 25.19
N LYS C 45 3.13 26.74 25.04
CA LYS C 45 3.74 26.58 23.72
C LYS C 45 2.86 25.75 22.79
N GLU C 46 2.29 24.67 23.31
CA GLU C 46 1.36 23.86 22.50
C GLU C 46 0.16 24.69 22.06
N TYR C 47 -0.27 25.63 22.90
CA TYR C 47 -1.41 26.47 22.57
C TYR C 47 -1.13 27.33 21.34
N THR C 48 0.13 27.73 21.14
CA THR C 48 0.49 28.49 19.95
C THR C 48 0.24 27.70 18.69
N LYS C 49 0.73 26.46 18.64
CA LYS C 49 0.49 25.60 17.48
C LYS C 49 -1.00 25.31 17.31
N ILE C 50 -1.71 25.13 18.43
CA ILE C 50 -3.15 24.88 18.37
C ILE C 50 -3.86 26.05 17.69
N VAL C 51 -3.61 27.27 18.16
CA VAL C 51 -4.31 28.42 17.60
C VAL C 51 -3.87 28.66 16.16
N LYS C 52 -2.61 28.35 15.84
CA LYS C 52 -2.15 28.49 14.46
C LYS C 52 -2.93 27.57 13.53
N ALA C 53 -3.02 26.29 13.88
CA ALA C 53 -3.73 25.34 13.00
C ALA C 53 -5.21 25.67 12.92
N VAL C 54 -5.84 25.94 14.07
CA VAL C 54 -7.27 26.27 14.06
C VAL C 54 -7.51 27.52 13.23
N GLY C 55 -6.61 28.51 13.33
CA GLY C 55 -6.79 29.74 12.58
C GLY C 55 -6.64 29.53 11.09
N ILE C 56 -5.65 28.76 10.66
CA ILE C 56 -5.48 28.55 9.22
C ILE C 56 -6.65 27.77 8.66
N GLY C 57 -7.13 26.75 9.39
CA GLY C 57 -8.29 26.01 8.92
C GLY C 57 -9.54 26.87 8.83
N PHE C 58 -9.77 27.69 9.87
CA PHE C 58 -10.93 28.56 9.87
C PHE C 58 -10.85 29.59 8.76
N ILE C 59 -9.66 30.15 8.52
CA ILE C 59 -9.50 31.09 7.42
C ILE C 59 -9.80 30.42 6.10
N ALA C 60 -9.32 29.19 5.91
CA ALA C 60 -9.58 28.47 4.68
C ALA C 60 -11.08 28.29 4.45
N VAL C 61 -11.79 27.73 5.42
CA VAL C 61 -13.21 27.46 5.23
C VAL C 61 -13.98 28.76 5.06
N GLY C 62 -13.61 29.81 5.80
CA GLY C 62 -14.30 31.08 5.67
C GLY C 62 -14.08 31.71 4.31
N ILE C 63 -12.88 31.58 3.75
CA ILE C 63 -12.62 32.13 2.42
C ILE C 63 -13.42 31.36 1.37
N ILE C 64 -13.48 30.04 1.48
CA ILE C 64 -14.29 29.28 0.53
C ILE C 64 -15.75 29.73 0.59
N GLY C 65 -16.30 29.81 1.80
CA GLY C 65 -17.69 30.24 1.93
C GLY C 65 -17.91 31.64 1.41
N TYR C 66 -16.99 32.55 1.69
CA TYR C 66 -17.13 33.93 1.26
C TYR C 66 -17.10 34.03 -0.26
N ALA C 67 -16.17 33.31 -0.90
CA ALA C 67 -16.10 33.36 -2.35
C ALA C 67 -17.34 32.78 -3.00
N ILE C 68 -17.84 31.66 -2.46
CA ILE C 68 -19.02 31.05 -3.05
C ILE C 68 -20.25 31.92 -2.86
N LYS C 69 -20.31 32.65 -1.73
CA LYS C 69 -21.41 33.58 -1.54
C LYS C 69 -21.28 34.79 -2.46
N LEU C 70 -20.06 35.26 -2.69
CA LEU C 70 -19.87 36.48 -3.46
C LEU C 70 -20.04 36.26 -4.96
N ILE C 71 -19.78 35.03 -5.43
CA ILE C 71 -19.91 34.78 -6.86
C ILE C 71 -21.36 34.58 -7.26
N HIS C 72 -22.17 33.96 -6.40
CA HIS C 72 -23.53 33.59 -6.77
C HIS C 72 -24.55 34.73 -6.60
N ILE C 73 -24.12 35.93 -6.23
CA ILE C 73 -25.08 37.03 -6.11
C ILE C 73 -25.52 37.49 -7.50
N PRO C 74 -24.61 37.84 -8.42
CA PRO C 74 -25.07 38.29 -9.73
C PRO C 74 -25.83 37.24 -10.50
N ILE C 75 -25.46 35.96 -10.37
CA ILE C 75 -26.17 34.92 -11.12
C ILE C 75 -27.59 34.76 -10.58
N ARG C 76 -27.76 34.88 -9.27
CA ARG C 76 -29.11 34.81 -8.69
C ARG C 76 -29.93 36.05 -9.03
N TYR C 77 -29.29 37.21 -9.16
CA TYR C 77 -30.04 38.39 -9.61
C TYR C 77 -30.45 38.25 -11.07
N VAL C 78 -29.57 37.71 -11.91
CA VAL C 78 -29.88 37.60 -13.34
C VAL C 78 -30.96 36.55 -13.57
N ILE C 79 -30.82 35.37 -12.95
CA ILE C 79 -31.75 34.29 -13.24
C ILE C 79 -33.12 34.59 -12.64
N VAL C 80 -33.14 35.22 -11.47
CA VAL C 80 -34.38 35.58 -10.80
C VAL C 80 -34.24 36.97 -10.20
N PHE D 68 26.36 18.39 0.54
CA PHE D 68 27.02 17.82 1.71
C PHE D 68 28.02 16.75 1.29
N ASN D 69 27.57 15.86 0.41
CA ASN D 69 28.38 14.76 -0.10
C ASN D 69 28.96 15.16 -1.44
N GLU D 70 30.28 15.27 -1.52
CA GLU D 70 30.91 15.73 -2.74
C GLU D 70 30.63 14.76 -3.87
N GLU D 71 30.21 15.29 -5.01
CA GLU D 71 29.87 14.49 -6.18
C GLU D 71 30.92 14.73 -7.26
N VAL D 72 31.72 13.69 -7.53
CA VAL D 72 32.85 13.82 -8.45
C VAL D 72 32.52 13.38 -9.87
N PHE D 73 31.26 13.10 -10.17
CA PHE D 73 30.87 12.68 -11.51
C PHE D 73 29.98 13.68 -12.23
N LYS D 74 29.51 14.72 -11.56
CA LYS D 74 28.69 15.72 -12.23
C LYS D 74 29.45 16.47 -13.30
N ASN D 75 30.77 16.32 -13.36
CA ASN D 75 31.57 16.95 -14.39
C ASN D 75 31.98 15.97 -15.49
N LEU D 76 32.35 14.75 -15.10
CA LEU D 76 32.83 13.75 -16.05
C LEU D 76 31.69 12.91 -16.62
N ASN D 77 30.46 13.16 -16.21
CA ASN D 77 29.32 12.42 -16.74
C ASN D 77 28.88 13.01 -18.08
N GLU D 78 28.83 14.33 -18.17
CA GLU D 78 28.32 14.98 -19.38
C GLU D 78 29.38 15.14 -20.46
N GLU D 79 30.62 14.75 -20.20
CA GLU D 79 31.67 14.86 -21.20
C GLU D 79 31.80 13.61 -22.06
N TYR D 80 31.26 12.49 -21.60
CA TYR D 80 31.35 11.23 -22.34
C TYR D 80 30.04 10.84 -23.02
N THR D 81 28.91 11.33 -22.55
CA THR D 81 27.63 10.99 -23.16
C THR D 81 27.59 11.47 -24.60
N SER D 82 26.98 10.68 -25.48
CA SER D 82 26.91 11.03 -26.88
C SER D 82 26.00 12.23 -27.11
N ASP D 83 25.91 12.67 -28.36
CA ASP D 83 25.14 13.87 -28.67
C ASP D 83 23.64 13.58 -28.67
N GLU D 84 23.21 12.43 -29.20
CA GLU D 84 21.79 12.13 -29.28
C GLU D 84 21.16 12.08 -27.89
N ILE D 85 21.87 11.50 -26.91
CA ILE D 85 21.34 11.46 -25.55
C ILE D 85 21.28 12.85 -24.95
N LYS D 86 22.25 13.71 -25.26
CA LYS D 86 22.19 15.10 -24.80
C LYS D 86 20.95 15.78 -25.33
N GLN D 87 20.69 15.65 -26.64
CA GLN D 87 19.53 16.31 -27.22
C GLN D 87 18.23 15.71 -26.71
N PHE D 88 18.22 14.42 -26.39
CA PHE D 88 17.05 13.83 -25.75
C PHE D 88 16.81 14.45 -24.39
N ARG D 89 17.79 14.31 -23.48
CA ARG D 89 17.67 14.86 -22.13
C ARG D 89 17.34 16.35 -22.14
N ARG D 90 17.73 17.07 -23.19
CA ARG D 90 17.34 18.46 -23.31
C ARG D 90 15.89 18.59 -23.79
N LYS D 91 15.45 17.68 -24.66
CA LYS D 91 14.11 17.77 -25.22
C LYS D 91 13.04 17.47 -24.17
N PHE D 92 13.03 16.24 -23.67
CA PHE D 92 12.01 15.83 -22.71
C PHE D 92 12.63 15.44 -21.37
N SER D 234 -26.25 40.15 -20.68
CA SER D 234 -26.82 39.52 -19.49
C SER D 234 -26.78 37.98 -19.53
N PRO D 235 -27.24 37.34 -20.62
CA PRO D 235 -27.18 35.87 -20.65
C PRO D 235 -25.78 35.31 -20.81
N LEU D 236 -24.78 36.14 -21.12
CA LEU D 236 -23.43 35.63 -21.26
C LEU D 236 -22.91 35.06 -19.94
N LEU D 237 -23.22 35.71 -18.82
CA LEU D 237 -22.77 35.22 -17.53
C LEU D 237 -23.46 33.91 -17.16
N VAL D 238 -24.76 33.80 -17.43
CA VAL D 238 -25.44 32.57 -17.08
C VAL D 238 -24.96 31.43 -17.97
N VAL D 239 -24.62 31.71 -19.23
CA VAL D 239 -24.10 30.65 -20.09
C VAL D 239 -22.70 30.23 -19.65
N CYS D 240 -21.88 31.21 -19.25
CA CYS D 240 -20.55 30.89 -18.75
C CYS D 240 -20.62 30.05 -17.49
N TYR D 241 -21.55 30.38 -16.59
CA TYR D 241 -21.69 29.60 -15.36
C TYR D 241 -22.23 28.21 -15.65
N VAL D 242 -23.23 28.10 -16.53
CA VAL D 242 -23.74 26.79 -16.93
C VAL D 242 -22.62 25.93 -17.48
N ALA D 243 -21.76 26.51 -18.32
CA ALA D 243 -20.61 25.77 -18.82
C ALA D 243 -19.70 25.33 -17.68
N LEU D 244 -19.22 26.30 -16.90
CA LEU D 244 -18.22 26.00 -15.87
C LEU D 244 -18.73 25.03 -14.82
N LEU D 245 -20.04 24.85 -14.68
CA LEU D 245 -20.54 23.91 -13.70
C LEU D 245 -21.25 22.71 -14.32
N GLY D 246 -21.31 22.61 -15.64
CA GLY D 246 -21.88 21.42 -16.26
C GLY D 246 -20.90 20.61 -17.09
N LEU D 247 -19.90 21.27 -17.68
CA LEU D 247 -18.95 20.60 -18.57
C LEU D 247 -17.53 20.60 -18.04
N ILE D 248 -17.22 21.39 -17.02
CA ILE D 248 -15.83 21.44 -16.54
C ILE D 248 -15.66 20.61 -15.28
N LEU D 249 -16.55 20.78 -14.29
CA LEU D 249 -16.37 20.06 -13.02
C LEU D 249 -16.56 18.56 -13.18
N PRO D 250 -17.69 18.06 -13.69
CA PRO D 250 -17.85 16.59 -13.77
C PRO D 250 -16.80 15.94 -14.64
N TYR D 251 -16.45 16.56 -15.77
CA TYR D 251 -15.48 15.96 -16.68
C TYR D 251 -14.11 15.84 -16.03
N PHE D 252 -13.61 16.94 -15.45
CA PHE D 252 -12.29 16.89 -14.83
C PHE D 252 -12.27 15.96 -13.63
N VAL D 253 -13.33 15.97 -12.82
CA VAL D 253 -13.34 15.10 -11.66
C VAL D 253 -13.36 13.64 -12.10
N SER D 254 -14.12 13.32 -13.16
CA SER D 254 -14.14 11.95 -13.65
C SER D 254 -12.78 11.53 -14.19
N ARG D 255 -12.11 12.41 -14.94
CA ARG D 255 -10.78 12.06 -15.44
C ARG D 255 -9.81 11.82 -14.31
N TRP D 256 -9.78 12.71 -13.32
CA TRP D 256 -8.84 12.54 -12.22
C TRP D 256 -9.15 11.29 -11.42
N TRP D 257 -10.43 11.00 -11.20
CA TRP D 257 -10.79 9.79 -10.46
C TRP D 257 -10.37 8.55 -11.21
N ALA D 258 -10.65 8.48 -12.52
CA ALA D 258 -10.25 7.30 -13.28
C ALA D 258 -8.74 7.12 -13.27
N ARG D 259 -7.99 8.22 -13.47
CA ARG D 259 -6.54 8.11 -13.50
C ARG D 259 -5.99 7.63 -12.16
N THR D 260 -6.40 8.26 -11.07
CA THR D 260 -5.86 7.87 -9.77
C THR D 260 -6.47 6.56 -9.27
N GLN D 261 -7.50 6.06 -9.93
CA GLN D 261 -8.07 4.77 -9.56
C GLN D 261 -7.35 3.63 -10.27
N SER D 262 -6.99 3.82 -11.54
CA SER D 262 -6.35 2.74 -12.28
C SER D 262 -4.96 2.43 -11.74
N TYR D 263 -4.17 3.45 -11.47
CA TYR D 263 -2.75 3.24 -11.13
C TYR D 263 -2.59 2.53 -9.80
N THR D 264 -1.67 1.57 -9.77
CA THR D 264 -1.32 0.84 -8.58
C THR D 264 -0.54 1.73 -7.62
N LYS D 265 -0.45 1.30 -6.35
CA LYS D 265 0.19 2.14 -5.34
C LYS D 265 1.67 2.35 -5.61
N LYS D 266 2.36 1.33 -6.13
CA LYS D 266 3.79 1.45 -6.32
C LYS D 266 4.14 2.43 -7.44
N GLY D 267 3.21 2.70 -8.35
CA GLY D 267 3.45 3.64 -9.41
C GLY D 267 3.38 3.04 -10.80
N ILE D 268 2.82 1.84 -10.90
CA ILE D 268 2.69 1.14 -12.17
C ILE D 268 1.21 0.93 -12.47
N HIS D 269 0.94 0.56 -13.72
CA HIS D 269 -0.42 0.36 -14.18
C HIS D 269 -1.06 -0.83 -13.47
N ASN D 270 -2.31 -1.15 -13.84
CA ASN D 270 -2.93 -2.36 -13.32
C ASN D 270 -2.73 -3.54 -14.26
N VAL D 271 -2.70 -3.30 -15.57
CA VAL D 271 -2.42 -4.37 -16.51
C VAL D 271 -1.00 -4.88 -16.34
N THR D 272 -0.06 -3.97 -16.05
CA THR D 272 1.32 -4.41 -15.82
C THR D 272 1.42 -5.30 -14.58
N ALA D 273 0.80 -4.90 -13.48
CA ALA D 273 0.86 -5.72 -12.27
C ALA D 273 0.17 -7.06 -12.49
N SER D 274 -0.97 -7.07 -13.18
CA SER D 274 -1.62 -8.33 -13.47
C SER D 274 -0.76 -9.22 -14.35
N ASN D 275 -0.02 -8.63 -15.29
CA ASN D 275 0.86 -9.43 -16.14
C ASN D 275 2.01 -10.02 -15.34
N PHE D 276 2.63 -9.22 -14.47
CA PHE D 276 3.74 -9.76 -13.67
C PHE D 276 3.26 -10.89 -12.77
N VAL D 277 2.09 -10.74 -12.17
CA VAL D 277 1.61 -11.79 -11.27
C VAL D 277 1.22 -13.03 -12.07
N SER D 278 0.58 -12.85 -13.23
CA SER D 278 0.20 -14.01 -14.03
C SER D 278 1.41 -14.63 -14.72
N ASN D 279 2.57 -13.96 -14.67
CA ASN D 279 3.78 -14.61 -15.14
C ASN D 279 4.53 -15.31 -14.01
N LEU D 280 4.45 -14.80 -12.79
CA LEU D 280 5.08 -15.48 -11.67
C LEU D 280 4.26 -16.64 -11.14
N VAL D 281 2.97 -16.70 -11.44
CA VAL D 281 2.15 -17.82 -10.97
C VAL D 281 2.52 -19.10 -11.72
N ASN D 282 2.46 -19.06 -13.05
CA ASN D 282 2.80 -20.24 -13.86
C ASN D 282 4.25 -20.14 -14.33
N TYR D 283 5.16 -20.36 -13.39
CA TYR D 283 6.60 -20.29 -13.64
C TYR D 283 7.22 -21.59 -13.17
N LYS D 284 7.62 -22.42 -14.11
CA LYS D 284 8.22 -23.71 -13.78
C LYS D 284 9.62 -23.50 -13.21
N PRO D 285 9.95 -24.09 -12.06
CA PRO D 285 11.30 -23.94 -11.52
C PRO D 285 12.37 -24.62 -12.35
N SER D 286 12.00 -25.28 -13.46
CA SER D 286 12.99 -25.94 -14.29
C SER D 286 13.76 -24.95 -15.15
N GLU D 287 13.21 -23.75 -15.34
CA GLU D 287 13.87 -22.74 -16.16
C GLU D 287 14.78 -21.87 -15.30
N ILE D 288 16.05 -21.81 -15.66
CA ILE D 288 17.01 -20.96 -14.95
C ILE D 288 16.84 -19.53 -15.46
N VAL D 289 16.69 -18.59 -14.54
CA VAL D 289 16.40 -17.21 -14.91
C VAL D 289 17.68 -16.50 -15.31
N THR D 290 17.77 -16.11 -16.57
CA THR D 290 18.85 -15.26 -17.04
C THR D 290 18.29 -13.87 -17.35
N THR D 291 19.13 -12.97 -17.85
CA THR D 291 18.62 -11.62 -18.15
C THR D 291 17.61 -11.65 -19.28
N ASP D 292 17.79 -12.54 -20.26
CA ASP D 292 16.89 -12.57 -21.40
C ASP D 292 15.45 -12.87 -20.97
N LEU D 293 15.27 -13.73 -19.97
CA LEU D 293 13.91 -14.04 -19.55
C LEU D 293 13.24 -12.85 -18.90
N ILE D 294 13.98 -12.06 -18.12
CA ILE D 294 13.37 -10.89 -17.52
C ILE D 294 13.08 -9.82 -18.56
N LEU D 295 13.95 -9.65 -19.55
CA LEU D 295 13.63 -8.73 -20.62
C LEU D 295 12.41 -9.17 -21.40
N HIS D 296 12.24 -10.48 -21.57
CA HIS D 296 11.05 -10.98 -22.23
C HIS D 296 9.80 -10.76 -21.39
N TRP D 297 9.93 -10.81 -20.07
CA TRP D 297 8.79 -10.45 -19.22
C TRP D 297 8.46 -8.97 -19.33
N LEU D 298 9.48 -8.13 -19.51
CA LEU D 298 9.26 -6.70 -19.54
C LEU D 298 8.72 -6.23 -20.89
N SER D 299 8.99 -6.97 -21.96
CA SER D 299 8.46 -6.57 -23.25
C SER D 299 6.95 -6.75 -23.36
N PHE D 300 6.29 -7.19 -22.29
CA PHE D 300 4.84 -7.35 -22.28
C PHE D 300 4.15 -6.30 -21.42
N ALA D 301 4.86 -5.25 -21.02
CA ALA D 301 4.26 -4.24 -20.17
C ALA D 301 3.22 -3.46 -20.93
N HIS D 302 2.38 -2.72 -20.19
CA HIS D 302 1.31 -1.95 -20.81
C HIS D 302 1.66 -0.47 -20.94
N GLU D 303 2.57 0.03 -20.10
CA GLU D 303 2.95 1.42 -20.19
C GLU D 303 3.89 1.70 -21.35
N PHE D 304 4.33 0.65 -22.06
CA PHE D 304 5.07 0.85 -23.30
C PHE D 304 4.13 1.03 -24.48
N LYS D 305 2.88 0.62 -24.35
CA LYS D 305 1.93 0.68 -25.45
C LYS D 305 1.38 2.08 -25.66
N GLN D 306 1.08 2.79 -24.58
CA GLN D 306 0.55 4.15 -24.70
C GLN D 306 1.56 5.10 -25.33
N PHE D 307 2.85 4.79 -25.24
CA PHE D 307 3.87 5.66 -25.82
C PHE D 307 3.91 5.52 -27.33
N PHE D 308 3.71 4.31 -27.84
CA PHE D 308 3.78 4.03 -29.28
C PHE D 308 2.71 2.99 -29.59
N PRO D 309 1.48 3.41 -29.88
CA PRO D 309 0.38 2.45 -30.08
C PRO D 309 0.53 1.59 -31.32
N ASP D 310 1.63 1.71 -32.07
CA ASP D 310 1.81 0.92 -33.28
C ASP D 310 2.78 -0.24 -33.06
N LEU D 311 3.81 -0.05 -32.24
CA LEU D 311 4.84 -1.06 -32.07
C LEU D 311 4.30 -2.26 -31.30
N GLN D 312 4.86 -3.42 -31.60
CA GLN D 312 4.48 -4.69 -31.01
C GLN D 312 5.55 -5.19 -30.04
N PRO D 313 5.17 -6.05 -29.08
CA PRO D 313 6.13 -6.45 -28.04
C PRO D 313 7.46 -6.99 -28.55
N THR D 314 7.45 -7.72 -29.66
CA THR D 314 8.72 -8.22 -30.20
C THR D 314 9.65 -7.08 -30.55
N ASP D 315 9.09 -5.97 -31.07
CA ASP D 315 9.91 -4.80 -31.35
C ASP D 315 10.48 -4.23 -30.07
N PHE D 316 9.71 -4.29 -28.97
CA PHE D 316 10.22 -3.79 -27.69
C PHE D 316 11.39 -4.64 -27.21
N GLU D 317 11.29 -5.97 -27.32
CA GLU D 317 12.40 -6.82 -26.91
C GLU D 317 13.62 -6.56 -27.77
N LYS D 318 13.43 -6.42 -29.09
CA LYS D 318 14.56 -6.15 -29.96
C LYS D 318 15.21 -4.81 -29.63
N LEU D 319 14.41 -3.81 -29.27
CA LEU D 319 14.97 -2.51 -28.90
C LEU D 319 15.78 -2.59 -27.61
N LEU D 320 15.21 -3.23 -26.58
CA LEU D 320 15.93 -3.34 -25.32
C LEU D 320 17.24 -4.09 -25.50
N GLN D 321 17.24 -5.14 -26.33
CA GLN D 321 18.48 -5.85 -26.60
C GLN D 321 19.47 -4.95 -27.34
N ASP D 322 18.99 -4.18 -28.30
CA ASP D 322 19.88 -3.25 -29.00
C ASP D 322 20.45 -2.22 -28.05
N HIS D 323 19.76 -1.95 -26.94
CA HIS D 323 20.32 -1.04 -25.94
C HIS D 323 21.39 -1.74 -25.10
N ILE D 324 21.06 -2.90 -24.53
CA ILE D 324 21.98 -3.57 -23.62
C ILE D 324 23.27 -3.95 -24.33
N ASN D 325 23.18 -4.41 -25.58
CA ASN D 325 24.38 -4.80 -26.29
C ASN D 325 25.19 -3.61 -26.79
N ARG D 326 24.77 -2.37 -26.53
CA ARG D 326 25.41 -1.16 -27.04
C ARG D 326 25.41 -1.14 -28.57
N ARG D 327 24.24 -1.40 -29.14
CA ARG D 327 24.07 -1.48 -30.58
C ARG D 327 23.10 -0.40 -31.04
N ASP D 328 23.15 -0.10 -32.34
CA ASP D 328 22.38 1.00 -32.92
C ASP D 328 21.10 0.47 -33.55
N SER D 329 19.99 1.15 -33.26
CA SER D 329 18.72 0.83 -33.91
C SER D 329 18.47 1.68 -35.15
N GLY D 330 19.11 2.86 -35.24
CA GLY D 330 19.05 3.66 -36.44
C GLY D 330 17.97 4.71 -36.49
N LYS D 331 16.70 4.30 -36.44
CA LYS D 331 15.60 5.22 -36.70
C LYS D 331 14.74 5.45 -35.46
N LEU D 332 14.71 4.48 -34.56
CA LEU D 332 13.85 4.53 -33.37
C LEU D 332 14.64 4.83 -32.10
N ASN D 333 15.64 5.71 -32.19
CA ASN D 333 16.42 6.07 -31.01
C ASN D 333 15.56 6.80 -29.99
N ASN D 334 14.72 7.73 -30.45
CA ASN D 334 13.88 8.45 -29.51
C ASN D 334 12.73 7.60 -28.98
N ALA D 335 12.64 6.34 -29.38
CA ALA D 335 11.74 5.39 -28.75
C ALA D 335 12.47 4.45 -27.80
N LYS D 336 13.64 3.96 -28.21
CA LYS D 336 14.46 3.15 -27.32
C LYS D 336 14.82 3.92 -26.07
N PHE D 337 15.15 5.20 -26.22
CA PHE D 337 15.50 6.00 -25.04
C PHE D 337 14.30 6.16 -24.11
N ARG D 338 13.11 6.36 -24.67
CA ARG D 338 11.92 6.49 -23.84
C ARG D 338 11.66 5.21 -23.05
N ILE D 339 11.68 4.07 -23.73
CA ILE D 339 11.35 2.82 -23.04
C ILE D 339 12.42 2.48 -22.01
N VAL D 340 13.69 2.78 -22.30
CA VAL D 340 14.74 2.46 -21.33
C VAL D 340 14.65 3.39 -20.13
N ALA D 341 14.34 4.66 -20.34
CA ALA D 341 14.17 5.57 -19.21
C ALA D 341 12.95 5.20 -18.38
N LYS D 342 11.95 4.57 -18.98
CA LYS D 342 10.80 4.12 -18.21
C LYS D 342 11.05 2.80 -17.49
N CYS D 343 11.97 1.98 -17.99
CA CYS D 343 12.14 0.62 -17.50
C CYS D 343 12.44 0.52 -16.00
N HIS D 344 12.98 1.57 -15.39
CA HIS D 344 13.37 1.51 -13.98
C HIS D 344 12.18 1.23 -13.07
N SER D 345 11.11 2.00 -13.21
CA SER D 345 9.96 1.82 -12.33
C SER D 345 9.34 0.44 -12.50
N LEU D 346 9.31 -0.06 -13.73
CA LEU D 346 8.79 -1.41 -13.96
C LEU D 346 9.68 -2.45 -13.27
N LEU D 347 11.01 -2.24 -13.30
CA LEU D 347 11.87 -3.21 -12.64
C LEU D 347 11.69 -3.19 -11.14
N HIS D 348 11.46 -2.02 -10.54
CA HIS D 348 11.17 -2.01 -9.11
C HIS D 348 9.82 -2.68 -8.82
N GLY D 349 8.84 -2.49 -9.68
CA GLY D 349 7.59 -3.22 -9.51
C GLY D 349 7.79 -4.72 -9.52
N LEU D 350 8.56 -5.22 -10.50
CA LEU D 350 8.79 -6.66 -10.60
C LEU D 350 9.58 -7.17 -9.39
N LEU D 351 10.57 -6.41 -8.94
CA LEU D 351 11.34 -6.83 -7.77
C LEU D 351 10.44 -6.93 -6.55
N ASP D 352 9.57 -5.93 -6.34
CA ASP D 352 8.71 -5.97 -5.16
C ASP D 352 7.73 -7.13 -5.22
N ILE D 353 7.15 -7.39 -6.40
CA ILE D 353 6.19 -8.49 -6.49
C ILE D 353 6.90 -9.84 -6.34
N ALA D 354 8.13 -9.96 -6.85
CA ALA D 354 8.86 -11.21 -6.69
C ALA D 354 9.22 -11.45 -5.25
N CYS D 355 9.63 -10.40 -4.51
CA CYS D 355 9.84 -10.57 -3.08
C CYS D 355 8.53 -10.85 -2.37
N GLY D 356 7.41 -10.38 -2.91
CA GLY D 356 6.12 -10.70 -2.32
C GLY D 356 5.81 -12.18 -2.41
N PHE D 357 6.04 -12.79 -3.57
CA PHE D 357 5.76 -14.21 -3.73
C PHE D 357 6.75 -15.12 -3.01
N ARG D 358 7.64 -14.57 -2.20
CA ARG D 358 8.66 -15.36 -1.51
C ARG D 358 9.45 -16.21 -2.51
N ASN D 359 10.14 -15.51 -3.41
CA ASN D 359 10.96 -16.12 -4.46
C ASN D 359 12.24 -15.31 -4.56
N LEU D 360 13.39 -15.96 -4.42
CA LEU D 360 14.65 -15.21 -4.33
C LEU D 360 15.34 -15.08 -5.68
N ASP D 361 15.35 -16.15 -6.48
CA ASP D 361 16.16 -16.16 -7.69
C ASP D 361 15.71 -15.09 -8.66
N ILE D 362 14.40 -14.85 -8.77
CA ILE D 362 13.92 -13.79 -9.64
C ILE D 362 14.27 -12.42 -9.07
N ALA D 363 14.39 -12.31 -7.75
CA ALA D 363 14.83 -11.04 -7.18
C ALA D 363 16.27 -10.74 -7.55
N LEU D 364 17.17 -11.72 -7.42
CA LEU D 364 18.54 -11.50 -7.85
C LEU D 364 18.63 -11.25 -9.35
N GLY D 365 17.82 -11.97 -10.14
CA GLY D 365 17.75 -11.68 -11.56
C GLY D 365 17.33 -10.26 -11.85
N ALA D 366 16.35 -9.74 -11.11
CA ALA D 366 15.88 -8.38 -11.34
C ALA D 366 16.97 -7.37 -11.02
N ILE D 367 17.65 -7.53 -9.87
CA ILE D 367 18.71 -6.59 -9.53
C ILE D 367 19.83 -6.64 -10.57
N ASN D 368 20.15 -7.84 -11.06
CA ASN D 368 21.23 -7.94 -12.04
C ASN D 368 20.82 -7.33 -13.37
N THR D 369 19.57 -7.53 -13.80
CA THR D 369 19.11 -6.88 -15.01
C THR D 369 19.09 -5.37 -14.86
N PHE D 370 18.81 -4.86 -13.65
CA PHE D 370 18.81 -3.42 -13.45
C PHE D 370 20.23 -2.87 -13.56
N LYS D 371 21.19 -3.56 -12.97
CA LYS D 371 22.58 -3.18 -13.15
C LYS D 371 22.95 -3.17 -14.64
N CYS D 372 22.54 -4.21 -15.36
CA CYS D 372 22.90 -4.33 -16.78
C CYS D 372 22.32 -3.19 -17.60
N ILE D 373 21.04 -2.84 -17.36
CA ILE D 373 20.43 -1.75 -18.12
C ILE D 373 21.07 -0.42 -17.76
N VAL D 374 21.30 -0.16 -16.47
CA VAL D 374 21.89 1.12 -16.09
C VAL D 374 23.25 1.30 -16.72
N GLN D 375 24.10 0.29 -16.69
CA GLN D 375 25.46 0.48 -17.18
C GLN D 375 25.63 0.18 -18.65
N ALA D 376 24.65 -0.45 -19.30
CA ALA D 376 24.72 -0.79 -20.73
C ALA D 376 25.92 -1.69 -21.02
N VAL D 377 25.84 -2.90 -20.47
CA VAL D 377 26.83 -3.94 -20.71
C VAL D 377 26.23 -5.29 -20.34
N PRO D 378 26.42 -6.34 -21.14
CA PRO D 378 25.77 -7.62 -20.83
C PRO D 378 26.49 -8.36 -19.71
N LEU D 379 25.72 -9.10 -18.93
CA LEU D 379 26.23 -9.76 -17.74
C LEU D 379 27.14 -10.92 -18.13
N THR D 380 28.41 -10.84 -17.75
CA THR D 380 29.44 -11.79 -18.16
C THR D 380 30.36 -12.08 -16.99
N PRO D 381 31.35 -12.98 -17.11
CA PRO D 381 32.27 -13.20 -15.99
C PRO D 381 33.11 -11.97 -15.65
N ASN D 382 33.87 -11.45 -16.62
CA ASN D 382 34.74 -10.30 -16.38
C ASN D 382 34.03 -9.04 -16.87
N CYS D 383 33.02 -8.62 -16.13
CA CYS D 383 32.25 -7.47 -16.54
C CYS D 383 32.49 -6.25 -15.66
N GLN D 384 32.87 -6.45 -14.39
CA GLN D 384 33.26 -5.33 -13.55
C GLN D 384 34.30 -4.46 -14.20
N ILE D 385 35.11 -5.01 -15.09
CA ILE D 385 36.17 -4.27 -15.75
C ILE D 385 35.80 -3.84 -17.17
N LEU D 386 34.63 -4.25 -17.67
CA LEU D 386 34.09 -3.69 -18.91
C LEU D 386 33.02 -2.63 -18.67
N GLN D 387 32.62 -2.41 -17.42
CA GLN D 387 31.78 -1.26 -17.11
C GLN D 387 32.55 0.05 -17.09
N LEU D 388 33.86 0.03 -17.31
CA LEU D 388 34.66 1.25 -17.31
C LEU D 388 34.29 2.12 -18.51
N PRO D 389 34.75 3.39 -18.52
CA PRO D 389 34.38 4.27 -19.65
C PRO D 389 34.85 3.78 -21.01
N ASN D 390 36.16 3.58 -21.20
CA ASN D 390 36.71 3.37 -22.55
C ASN D 390 37.68 2.18 -22.56
N VAL D 391 37.16 1.00 -22.82
CA VAL D 391 37.96 -0.19 -23.08
C VAL D 391 37.51 -0.79 -24.40
N ASP D 392 38.46 -1.33 -25.16
CA ASP D 392 38.17 -1.99 -26.41
C ASP D 392 38.13 -3.50 -26.19
N LYS D 393 36.95 -4.09 -26.41
CA LYS D 393 36.73 -5.48 -26.03
C LYS D 393 37.65 -6.43 -26.78
N GLU D 394 37.73 -6.29 -28.11
CA GLU D 394 38.45 -7.25 -28.94
C GLU D 394 39.93 -7.34 -28.59
N HIS D 395 40.44 -6.42 -27.79
CA HIS D 395 41.83 -6.47 -27.33
C HIS D 395 41.94 -7.10 -25.95
N PHE D 396 41.16 -6.60 -24.99
CA PHE D 396 41.28 -7.07 -23.62
C PHE D 396 40.82 -8.53 -23.48
N ILE D 397 39.71 -8.88 -24.14
CA ILE D 397 39.18 -10.23 -24.00
C ILE D 397 40.19 -11.25 -24.49
N THR D 398 40.94 -10.93 -25.54
CA THR D 398 41.84 -11.90 -26.14
C THR D 398 43.22 -11.89 -25.49
N LYS D 399 43.73 -10.73 -25.09
CA LYS D 399 45.10 -10.68 -24.60
C LYS D 399 45.23 -11.32 -23.22
N THR D 400 44.55 -10.76 -22.22
CA THR D 400 44.67 -11.23 -20.84
C THR D 400 43.44 -12.03 -20.44
N GLY D 401 43.62 -12.90 -19.46
CA GLY D 401 42.53 -13.75 -19.01
C GLY D 401 42.49 -14.00 -17.52
N ASP D 402 43.27 -13.23 -16.75
CA ASP D 402 43.28 -13.37 -15.30
C ASP D 402 42.86 -12.11 -14.56
N ILE D 403 42.66 -11.00 -15.26
CA ILE D 403 42.22 -9.75 -14.63
C ILE D 403 40.69 -9.75 -14.68
N HIS D 404 40.05 -10.15 -13.57
CA HIS D 404 38.61 -10.34 -13.55
C HIS D 404 37.85 -9.36 -12.70
N THR D 405 38.51 -8.55 -11.89
CA THR D 405 37.82 -7.57 -11.07
C THR D 405 38.80 -6.50 -10.64
N LEU D 406 38.26 -5.40 -10.11
CA LEU D 406 39.02 -4.17 -9.96
C LEU D 406 40.29 -4.37 -9.13
N GLY D 407 40.19 -5.11 -8.04
CA GLY D 407 41.35 -5.27 -7.17
C GLY D 407 42.52 -5.91 -7.90
N LYS D 408 42.28 -7.04 -8.57
CA LYS D 408 43.34 -7.69 -9.32
C LYS D 408 43.90 -6.77 -10.39
N LEU D 409 43.09 -5.81 -10.87
CA LEU D 409 43.59 -4.84 -11.83
C LEU D 409 44.53 -3.86 -11.16
N PHE D 410 44.11 -3.28 -10.04
CA PHE D 410 44.95 -2.33 -9.32
C PHE D 410 46.21 -2.97 -8.75
N THR D 411 46.27 -4.31 -8.68
CA THR D 411 47.51 -4.95 -8.27
C THR D 411 48.65 -4.64 -9.21
N LEU D 412 48.34 -4.31 -10.46
CA LEU D 412 49.37 -3.96 -11.43
C LEU D 412 49.73 -2.47 -11.30
N GLU D 413 50.81 -2.08 -11.97
CA GLU D 413 51.29 -0.71 -11.91
C GLU D 413 50.38 0.20 -12.74
N ASP D 414 50.80 1.45 -12.92
CA ASP D 414 49.97 2.43 -13.61
C ASP D 414 50.07 2.32 -15.13
N ALA D 415 51.28 2.17 -15.66
CA ALA D 415 51.43 2.06 -17.11
C ALA D 415 50.97 0.70 -17.62
N LYS D 416 51.11 -0.34 -16.79
CA LYS D 416 50.64 -1.66 -17.19
C LYS D 416 49.13 -1.69 -17.38
N ILE D 417 48.39 -0.88 -16.61
CA ILE D 417 46.94 -0.81 -16.80
C ILE D 417 46.62 -0.32 -18.21
N GLY D 418 47.28 0.75 -18.64
CA GLY D 418 47.05 1.24 -19.99
C GLY D 418 47.49 0.25 -21.04
N GLU D 419 48.62 -0.42 -20.81
CA GLU D 419 49.11 -1.39 -21.78
C GLU D 419 48.17 -2.58 -21.92
N VAL D 420 47.51 -2.98 -20.82
CA VAL D 420 46.59 -4.11 -20.88
C VAL D 420 45.25 -3.70 -21.48
N LEU D 421 44.66 -2.63 -20.96
CA LEU D 421 43.34 -2.21 -21.44
C LEU D 421 43.39 -1.63 -22.85
N GLY D 422 44.57 -1.25 -23.33
CA GLY D 422 44.71 -0.83 -24.71
C GLY D 422 43.97 0.45 -25.07
N ILE D 423 44.38 1.58 -24.49
CA ILE D 423 43.82 2.87 -24.87
C ILE D 423 44.94 3.87 -25.17
N LYS D 424 46.08 3.70 -24.51
CA LYS D 424 47.33 4.43 -24.77
C LYS D 424 47.09 5.92 -25.03
N ASP D 425 46.55 6.59 -24.01
CA ASP D 425 46.38 8.05 -24.07
C ASP D 425 46.35 8.56 -22.65
N GLN D 426 47.39 9.31 -22.26
CA GLN D 426 47.52 9.77 -20.88
C GLN D 426 46.32 10.62 -20.48
N ALA D 427 45.97 11.61 -21.30
CA ALA D 427 44.81 12.44 -21.01
C ALA D 427 43.52 11.64 -21.03
N LYS D 428 43.54 10.43 -21.59
CA LYS D 428 42.41 9.53 -21.52
C LYS D 428 42.58 8.44 -20.49
N LEU D 429 43.82 8.06 -20.16
CA LEU D 429 44.05 7.06 -19.13
C LEU D 429 43.76 7.61 -17.74
N ASN D 430 44.07 8.88 -17.49
CA ASN D 430 43.75 9.45 -16.20
C ASN D 430 42.25 9.51 -15.99
N GLU D 431 41.48 9.67 -17.06
CA GLU D 431 40.03 9.67 -16.94
C GLU D 431 39.52 8.28 -16.53
N THR D 432 39.99 7.24 -17.20
CA THR D 432 39.51 5.90 -16.85
C THR D 432 39.98 5.48 -15.47
N LEU D 433 41.14 5.96 -15.01
CA LEU D 433 41.53 5.67 -13.64
C LEU D 433 40.68 6.44 -12.63
N ARG D 434 40.36 7.71 -12.91
CA ARG D 434 39.46 8.46 -12.05
C ARG D 434 38.04 7.93 -12.07
N VAL D 435 37.71 7.07 -13.03
CA VAL D 435 36.44 6.35 -12.94
C VAL D 435 36.60 5.00 -12.24
N ALA D 436 37.78 4.38 -12.36
CA ALA D 436 37.99 3.05 -11.79
C ALA D 436 38.48 3.09 -10.35
N SER D 437 38.68 4.27 -9.78
CA SER D 437 39.01 4.38 -8.37
C SER D 437 37.97 5.20 -7.61
N HIS D 438 36.71 5.13 -8.05
CA HIS D 438 35.67 5.92 -7.41
C HIS D 438 34.32 5.21 -7.32
N ILE D 439 34.26 3.91 -7.59
CA ILE D 439 32.99 3.20 -7.40
C ILE D 439 33.07 2.42 -6.10
N PRO D 440 31.99 2.34 -5.33
CA PRO D 440 32.12 1.91 -3.93
C PRO D 440 32.08 0.41 -3.72
N ASN D 441 33.14 -0.13 -3.12
CA ASN D 441 33.13 -1.50 -2.62
C ASN D 441 32.83 -1.48 -1.13
N LEU D 442 31.90 -2.33 -0.72
CA LEU D 442 31.48 -2.39 0.67
C LEU D 442 32.32 -3.40 1.44
N LYS D 443 32.13 -3.41 2.75
CA LYS D 443 32.83 -4.31 3.65
C LYS D 443 32.20 -4.18 5.03
N ILE D 444 31.96 -5.30 5.71
CA ILE D 444 31.30 -5.24 7.01
C ILE D 444 32.35 -5.19 8.12
N ILE D 445 31.92 -4.65 9.26
CA ILE D 445 32.76 -4.52 10.45
C ILE D 445 32.15 -5.21 11.65
N LYS D 446 30.86 -4.97 11.91
CA LYS D 446 30.14 -5.61 13.00
C LYS D 446 28.68 -5.66 12.62
N ALA D 447 28.04 -6.82 12.81
CA ALA D 447 26.67 -7.01 12.37
C ALA D 447 26.00 -8.08 13.22
N ASP D 448 24.99 -7.69 13.98
CA ASP D 448 24.18 -8.64 14.74
C ASP D 448 22.84 -8.02 15.07
N PHE D 449 22.00 -8.80 15.72
CA PHE D 449 20.63 -8.40 16.00
C PHE D 449 20.58 -7.35 17.11
N LEU D 450 19.41 -6.74 17.22
CA LEU D 450 19.03 -5.93 18.37
C LEU D 450 17.58 -6.25 18.68
N VAL D 451 17.22 -6.32 19.96
CA VAL D 451 15.92 -6.85 20.34
C VAL D 451 15.07 -5.80 21.05
N PRO D 452 14.48 -4.85 20.32
CA PRO D 452 13.31 -4.14 20.86
C PRO D 452 12.06 -4.97 20.67
N GLY D 453 10.89 -4.39 20.95
CA GLY D 453 9.64 -5.08 20.66
C GLY D 453 9.59 -5.66 19.25
N ARG D 454 10.10 -4.91 18.28
CA ARG D 454 10.31 -5.42 16.93
C ARG D 454 11.81 -5.48 16.66
N PRO D 455 12.39 -6.66 16.51
CA PRO D 455 13.84 -6.72 16.26
C PRO D 455 14.19 -6.03 14.96
N TYR D 456 15.41 -5.51 14.90
CA TYR D 456 15.88 -4.84 13.69
C TYR D 456 17.38 -5.02 13.59
N ILE D 457 17.86 -5.33 12.41
CA ILE D 457 19.28 -5.61 12.20
C ILE D 457 20.05 -4.30 12.09
N SER D 458 21.25 -4.28 12.66
CA SER D 458 22.14 -3.14 12.56
C SER D 458 23.44 -3.57 11.94
N LEU D 459 23.77 -2.98 10.79
CA LEU D 459 25.00 -3.29 10.07
C LEU D 459 25.96 -2.12 10.21
N LYS D 460 27.25 -2.40 10.14
CA LYS D 460 28.28 -1.37 10.21
C LYS D 460 29.21 -1.53 9.01
N VAL D 461 28.84 -0.93 7.89
CA VAL D 461 29.57 -1.08 6.65
C VAL D 461 30.64 -0.01 6.56
N LEU D 462 31.71 -0.30 5.84
CA LEU D 462 32.85 0.59 5.67
C LEU D 462 33.01 0.85 4.17
N VAL D 463 32.33 1.87 3.66
CA VAL D 463 32.38 2.17 2.23
C VAL D 463 33.79 2.57 1.85
N ARG D 464 34.43 1.77 1.01
CA ARG D 464 35.83 1.97 0.67
C ARG D 464 35.99 2.11 -0.84
N SER D 465 37.16 2.58 -1.25
CA SER D 465 37.51 2.64 -2.66
C SER D 465 38.29 1.39 -3.05
N ALA D 466 38.18 1.02 -4.33
CA ALA D 466 38.72 -0.26 -4.75
C ALA D 466 40.25 -0.29 -4.77
N LYS D 467 40.91 0.72 -4.20
CA LYS D 467 42.36 0.81 -4.24
C LYS D 467 43.02 0.68 -2.87
N GLN D 468 42.34 1.07 -1.81
CA GLN D 468 42.94 1.10 -0.48
C GLN D 468 43.17 -0.32 0.04
N PRO D 469 44.31 -0.57 0.70
CA PRO D 469 44.56 -1.91 1.25
C PRO D 469 43.61 -2.27 2.38
N LEU D 470 43.79 -3.45 2.94
CA LEU D 470 42.94 -3.91 4.03
C LEU D 470 43.42 -3.31 5.35
N ILE D 471 42.49 -2.74 6.11
CA ILE D 471 42.76 -2.28 7.47
C ILE D 471 42.23 -3.32 8.44
N PRO D 472 42.99 -3.70 9.46
CA PRO D 472 42.49 -4.70 10.41
C PRO D 472 41.30 -4.17 11.18
N THR D 473 40.44 -5.10 11.61
CA THR D 473 39.25 -4.70 12.37
C THR D 473 39.63 -4.18 13.75
N SER D 474 40.72 -4.68 14.33
CA SER D 474 41.10 -4.27 15.68
C SER D 474 41.52 -2.81 15.76
N LEU D 475 41.89 -2.19 14.64
CA LEU D 475 42.24 -0.78 14.65
C LEU D 475 41.04 0.12 14.86
N ILE D 476 39.83 -0.38 14.63
CA ILE D 476 38.62 0.44 14.84
C ILE D 476 38.55 0.85 16.30
N PRO D 477 38.36 2.13 16.62
CA PRO D 477 38.38 2.56 18.03
C PRO D 477 37.19 2.09 18.85
N GLU D 478 36.23 1.39 18.23
CA GLU D 478 35.07 0.81 18.91
C GLU D 478 34.09 1.90 19.33
N GLU D 479 34.48 3.16 19.14
CA GLU D 479 33.58 4.26 19.49
C GLU D 479 32.54 4.51 18.41
N ASN D 480 32.97 4.56 17.14
CA ASN D 480 32.03 4.82 16.06
C ASN D 480 31.03 3.69 15.90
N LEU D 481 31.35 2.51 16.43
CA LEU D 481 30.48 1.34 16.22
C LEU D 481 29.30 1.36 17.19
N THR D 482 29.51 1.81 18.42
CA THR D 482 28.46 1.76 19.42
C THR D 482 27.41 2.83 19.16
N GLU D 483 26.27 2.69 19.85
CA GLU D 483 25.16 3.61 19.71
C GLU D 483 24.86 4.33 21.02
N PRO D 484 24.46 5.60 20.97
CA PRO D 484 24.10 6.32 22.19
C PRO D 484 22.71 5.93 22.67
N GLN D 485 22.53 5.87 23.98
CA GLN D 485 21.27 5.47 24.61
C GLN D 485 20.63 6.71 25.22
N ASP D 486 19.62 7.26 24.55
CA ASP D 486 18.89 8.42 25.03
C ASP D 486 17.40 8.17 24.87
N SER D 487 16.60 9.01 25.53
CA SER D 487 15.15 8.90 25.43
C SER D 487 14.68 9.08 23.99
N GLU D 488 15.17 10.11 23.32
CA GLU D 488 14.84 10.30 21.91
C GLU D 488 15.46 9.19 21.05
N SER D 489 16.60 8.65 21.47
CA SER D 489 17.23 7.59 20.71
C SER D 489 16.45 6.28 20.83
N GLN D 490 16.00 5.95 22.03
CA GLN D 490 15.27 4.69 22.21
C GLN D 490 13.86 4.76 21.64
N ARG D 491 13.37 5.97 21.33
CA ARG D 491 12.03 6.10 20.78
C ARG D 491 11.99 5.64 19.33
N ASP D 492 12.82 6.25 18.48
CA ASP D 492 12.90 5.89 17.06
C ASP D 492 14.37 5.85 16.65
N PRO D 493 15.00 4.68 16.68
CA PRO D 493 16.44 4.62 16.41
C PRO D 493 16.81 4.99 14.98
N PHE D 494 15.91 4.79 14.01
CA PHE D 494 16.25 5.05 12.61
C PHE D 494 16.45 6.53 12.32
N ALA D 495 16.25 7.40 13.31
CA ALA D 495 16.50 8.82 13.09
C ALA D 495 17.98 9.08 12.86
N MET D 496 18.86 8.27 13.43
CA MET D 496 20.29 8.44 13.18
C MET D 496 20.64 8.08 11.75
N MET D 497 20.07 7.01 11.22
CA MET D 497 20.34 6.64 9.84
C MET D 497 19.75 7.65 8.86
N SER D 498 18.55 8.17 9.17
CA SER D 498 17.92 9.10 8.25
C SER D 498 18.65 10.44 8.13
N LYS D 499 19.79 10.60 8.80
CA LYS D 499 20.50 11.88 8.83
C LYS D 499 21.61 11.97 7.79
N GLN D 500 22.26 10.87 7.47
CA GLN D 500 23.49 10.92 6.69
C GLN D 500 23.25 11.48 5.29
N PRO D 501 24.28 12.04 4.66
CA PRO D 501 24.09 12.70 3.36
C PRO D 501 23.64 11.73 2.29
N LEU D 502 23.29 12.28 1.14
CA LEU D 502 22.81 11.47 0.03
C LEU D 502 23.97 11.01 -0.85
N VAL D 503 23.66 10.13 -1.78
CA VAL D 503 24.65 9.48 -2.63
C VAL D 503 24.79 10.23 -3.95
N PRO D 504 26.00 10.37 -4.50
CA PRO D 504 26.18 11.21 -5.68
C PRO D 504 25.54 10.67 -6.95
N TYR D 505 25.70 11.40 -8.04
CA TYR D 505 25.18 10.96 -9.33
C TYR D 505 26.09 9.89 -9.93
N SER D 506 25.49 8.76 -10.30
CA SER D 506 26.23 7.65 -10.84
C SER D 506 26.87 8.02 -12.17
N PHE D 507 27.80 7.17 -12.61
CA PHE D 507 28.51 7.37 -13.87
C PHE D 507 27.87 6.44 -14.89
N ALA D 508 26.78 6.92 -15.51
CA ALA D 508 25.99 6.15 -16.46
C ALA D 508 25.99 6.86 -17.80
N PRO D 509 27.09 6.81 -18.55
CA PRO D 509 27.15 7.55 -19.83
C PRO D 509 26.22 7.03 -20.89
N PHE D 510 25.37 6.04 -20.60
CA PHE D 510 24.42 5.55 -21.59
C PHE D 510 23.00 5.39 -21.08
N PHE D 511 22.76 5.68 -19.81
CA PHE D 511 21.39 5.84 -19.34
C PHE D 511 20.90 7.21 -19.81
N PRO D 512 19.74 7.29 -20.48
CA PRO D 512 19.28 8.60 -20.97
C PRO D 512 19.20 9.69 -19.92
N THR D 513 18.45 9.47 -18.85
CA THR D 513 18.25 10.50 -17.83
C THR D 513 19.42 10.48 -16.84
N LYS D 514 19.24 11.18 -15.71
CA LYS D 514 20.21 11.19 -14.62
C LYS D 514 19.62 10.47 -13.41
N ARG D 515 20.47 9.82 -12.63
CA ARG D 515 20.02 9.09 -11.45
C ARG D 515 20.98 9.26 -10.29
N ARG D 516 20.47 9.04 -9.09
CA ARG D 516 21.28 8.89 -7.89
C ARG D 516 21.48 7.41 -7.63
N GLY D 517 22.64 7.07 -7.07
CA GLY D 517 22.92 5.69 -6.71
C GLY D 517 21.90 5.16 -5.71
N SER D 518 22.03 3.87 -5.42
CA SER D 518 21.12 3.26 -4.45
C SER D 518 21.82 2.07 -3.83
N TRP D 519 21.10 1.39 -2.94
CA TRP D 519 21.54 0.12 -2.38
C TRP D 519 20.31 -0.67 -2.01
N CYS D 520 20.01 -1.71 -2.79
CA CYS D 520 18.83 -2.54 -2.56
C CYS D 520 19.22 -3.68 -1.65
N CYS D 521 18.77 -3.61 -0.40
CA CYS D 521 19.08 -4.63 0.59
C CYS D 521 17.83 -5.46 0.87
N LEU D 522 17.99 -6.78 0.79
CA LEU D 522 16.90 -7.72 0.98
C LEU D 522 17.40 -8.89 1.81
N VAL D 523 16.56 -9.35 2.73
CA VAL D 523 16.93 -10.38 3.69
C VAL D 523 16.14 -11.63 3.39
N SER D 524 16.78 -12.79 3.56
CA SER D 524 16.15 -14.07 3.26
C SER D 524 16.55 -15.08 4.31
N SER D 525 15.78 -16.16 4.41
CA SER D 525 16.02 -17.20 5.40
C SER D 525 17.03 -18.21 4.87
N GLN D 526 17.48 -19.08 5.76
CA GLN D 526 18.52 -20.05 5.45
C GLN D 526 18.11 -21.48 5.71
N LYS D 527 16.85 -21.72 6.06
CA LYS D 527 16.40 -23.09 6.29
C LYS D 527 15.80 -23.70 5.03
N ASP D 528 15.20 -22.88 4.17
CA ASP D 528 14.66 -23.34 2.91
C ASP D 528 15.10 -22.51 1.71
N GLY D 529 15.34 -21.22 1.87
CA GLY D 529 15.77 -20.37 0.77
C GLY D 529 14.67 -19.51 0.17
N LYS D 530 13.93 -18.81 1.01
CA LYS D 530 12.83 -17.95 0.58
C LYS D 530 13.03 -16.55 1.15
N ILE D 531 12.51 -15.56 0.43
CA ILE D 531 12.51 -14.19 0.94
C ILE D 531 11.35 -14.00 1.89
N LEU D 532 11.58 -13.29 2.99
CA LEU D 532 10.56 -13.14 4.02
C LEU D 532 10.11 -11.70 4.24
N GLN D 533 10.55 -10.76 3.42
CA GLN D 533 10.01 -9.41 3.52
C GLN D 533 10.33 -8.66 2.24
N THR D 534 9.54 -7.63 1.96
CA THR D 534 9.79 -6.78 0.81
C THR D 534 11.17 -6.13 0.93
N PRO D 535 11.81 -5.80 -0.18
CA PRO D 535 13.18 -5.29 -0.13
C PRO D 535 13.23 -3.83 0.29
N ILE D 536 13.97 -3.56 1.35
CA ILE D 536 14.18 -2.21 1.84
C ILE D 536 15.25 -1.54 0.99
N ILE D 537 14.90 -0.42 0.37
CA ILE D 537 15.77 0.28 -0.56
C ILE D 537 16.38 1.47 0.17
N ILE D 538 17.53 1.28 0.78
CA ILE D 538 18.19 2.38 1.47
C ILE D 538 18.73 3.33 0.42
N GLU D 539 18.94 4.57 0.82
CA GLU D 539 19.34 5.63 -0.10
C GLU D 539 20.53 6.44 0.37
N LYS D 540 20.69 6.67 1.68
CA LYS D 540 21.64 7.61 2.23
C LYS D 540 22.81 6.86 2.85
N LEU D 541 24.03 7.27 2.49
CA LEU D 541 25.22 6.63 3.02
C LEU D 541 26.41 7.53 2.72
N SER D 542 27.42 7.45 3.57
CA SER D 542 28.51 8.42 3.59
C SER D 542 29.67 7.94 2.73
N TYR D 543 29.89 8.58 1.58
CA TYR D 543 30.98 8.22 0.69
C TYR D 543 32.26 9.00 1.00
N LYS D 544 32.42 9.42 2.26
CA LYS D 544 33.52 10.31 2.59
C LYS D 544 34.88 9.61 2.50
N ASN D 545 34.92 8.29 2.55
CA ASN D 545 36.19 7.57 2.54
C ASN D 545 36.85 7.55 1.18
N LEU D 546 36.18 8.05 0.14
CA LEU D 546 36.63 7.95 -1.25
C LEU D 546 37.45 9.14 -1.72
N ASN D 547 37.36 10.28 -1.03
CA ASN D 547 37.87 11.54 -1.55
C ASN D 547 39.37 11.48 -1.85
N ASP D 548 39.82 12.47 -2.61
CA ASP D 548 41.21 12.55 -3.07
C ASP D 548 42.16 13.12 -2.04
N ASP D 549 41.70 13.42 -0.83
CA ASP D 549 42.60 13.92 0.20
C ASP D 549 43.48 12.83 0.78
N LYS D 550 42.91 11.64 0.98
CA LYS D 550 43.67 10.50 1.49
C LYS D 550 44.06 9.56 0.34
N ASP D 551 44.91 10.09 -0.53
CA ASP D 551 45.46 9.34 -1.65
C ASP D 551 46.70 8.54 -1.28
N PHE D 552 47.37 8.88 -0.18
CA PHE D 552 48.56 8.16 0.24
C PHE D 552 48.29 6.70 0.53
N PHE D 553 47.01 6.32 0.70
CA PHE D 553 46.63 4.97 1.12
C PHE D 553 46.40 4.13 -0.13
N ASP D 554 47.50 3.66 -0.73
CA ASP D 554 47.45 2.91 -1.97
C ASP D 554 47.88 1.46 -1.72
N LYS D 555 47.49 0.59 -2.65
CA LYS D 555 47.76 -0.84 -2.49
C LYS D 555 49.12 -1.24 -3.06
N ARG D 556 49.53 -0.62 -4.17
CA ARG D 556 50.75 -1.02 -4.86
C ARG D 556 52.02 -0.70 -4.08
N ILE D 557 51.94 0.16 -3.07
CA ILE D 557 53.16 0.60 -2.39
C ILE D 557 53.74 -0.52 -1.54
N LYS D 558 52.90 -1.19 -0.76
CA LYS D 558 53.30 -2.31 0.09
C LYS D 558 54.42 -1.88 1.05
N MET D 559 54.07 -0.96 1.95
CA MET D 559 54.99 -0.44 2.94
C MET D 559 54.34 -0.41 4.32
N ASP D 560 53.19 -1.07 4.45
CA ASP D 560 52.38 -1.04 5.67
C ASP D 560 52.01 0.41 6.00
N LEU D 561 51.23 1.01 5.11
CA LEU D 561 50.85 2.41 5.21
C LEU D 561 49.92 2.69 6.38
N THR D 562 49.55 1.69 7.17
CA THR D 562 48.70 1.93 8.34
C THR D 562 49.43 2.76 9.39
N LYS D 563 50.74 2.60 9.51
CA LYS D 563 51.55 3.36 10.47
C LYS D 563 52.15 4.62 9.82
N HIS D 564 51.28 5.37 9.15
CA HIS D 564 51.70 6.56 8.44
C HIS D 564 51.27 7.81 9.20
N GLU D 565 51.93 8.93 8.87
CA GLU D 565 51.67 10.18 9.56
C GLU D 565 50.27 10.70 9.29
N LYS D 566 49.79 10.61 8.05
CA LYS D 566 48.46 11.06 7.70
C LYS D 566 47.39 10.03 8.02
N PHE D 567 47.78 8.84 8.44
CA PHE D 567 46.82 7.81 8.85
C PHE D 567 46.21 8.24 10.18
N ASP D 568 44.92 8.55 10.17
CA ASP D 568 44.19 8.94 11.37
C ASP D 568 42.98 8.03 11.50
N ILE D 569 42.99 7.16 12.52
CA ILE D 569 41.90 6.22 12.72
C ILE D 569 40.58 6.92 12.99
N ASN D 570 40.62 8.14 13.50
CA ASN D 570 39.41 8.93 13.71
C ASN D 570 39.07 9.82 12.52
N ASP D 571 39.69 9.57 11.36
CA ASP D 571 39.38 10.32 10.15
C ASP D 571 38.41 9.58 9.24
N TRP D 572 38.49 8.26 9.19
CA TRP D 572 37.59 7.45 8.38
C TRP D 572 36.18 7.56 8.92
N GLU D 573 35.19 7.67 8.03
CA GLU D 573 33.80 7.60 8.45
C GLU D 573 33.24 6.22 8.14
N ILE D 574 32.38 5.74 9.03
CA ILE D 574 31.89 4.37 9.01
C ILE D 574 30.37 4.43 9.07
N GLY D 575 29.73 4.22 7.92
CA GLY D 575 28.28 4.37 7.82
C GLY D 575 27.53 3.33 8.64
N THR D 576 26.22 3.34 8.46
CA THR D 576 25.34 2.44 9.20
C THR D 576 24.05 2.20 8.43
N ILE D 577 23.66 0.94 8.33
CA ILE D 577 22.43 0.53 7.66
C ILE D 577 21.58 -0.24 8.66
N LYS D 578 20.30 0.11 8.74
CA LYS D 578 19.37 -0.52 9.68
C LYS D 578 18.20 -1.09 8.89
N ILE D 579 17.90 -2.37 9.13
CA ILE D 579 16.85 -3.08 8.44
C ILE D 579 15.83 -3.53 9.47
N PRO D 580 14.58 -3.06 9.42
CA PRO D 580 13.56 -3.58 10.32
C PRO D 580 13.17 -5.00 9.93
N LEU D 581 13.25 -5.90 10.90
CA LEU D 581 13.07 -7.32 10.59
C LEU D 581 11.65 -7.65 10.18
N GLY D 582 10.67 -6.85 10.62
CA GLY D 582 9.31 -6.95 10.14
C GLY D 582 8.55 -8.19 10.53
N GLN D 583 9.21 -9.21 11.09
CA GLN D 583 8.53 -10.45 11.46
C GLN D 583 8.68 -10.64 12.97
N PRO D 584 7.69 -11.23 13.63
CA PRO D 584 7.76 -11.38 15.09
C PRO D 584 8.83 -12.38 15.51
N ALA D 585 9.20 -12.30 16.77
CA ALA D 585 10.17 -13.23 17.31
C ALA D 585 9.58 -14.63 17.37
N PRO D 586 10.28 -15.65 16.89
CA PRO D 586 9.75 -17.01 16.96
C PRO D 586 9.57 -17.49 18.39
N GLU D 587 8.52 -18.28 18.59
CA GLU D 587 8.17 -18.74 19.92
C GLU D 587 9.09 -19.83 20.45
N THR D 588 9.90 -20.43 19.59
CA THR D 588 10.80 -21.49 20.02
C THR D 588 12.02 -20.89 20.72
N VAL D 589 12.80 -21.75 21.38
CA VAL D 589 14.02 -21.35 22.07
C VAL D 589 15.18 -22.11 21.44
N GLY D 590 16.09 -21.38 20.81
CA GLY D 590 17.21 -21.99 20.14
C GLY D 590 17.83 -21.01 19.16
N ASP D 591 18.34 -21.57 18.06
CA ASP D 591 18.99 -20.80 17.01
C ASP D 591 18.06 -20.65 15.81
N PHE D 592 18.16 -19.51 15.14
CA PHE D 592 17.46 -19.27 13.89
C PHE D 592 18.39 -18.47 12.98
N PHE D 593 18.67 -19.02 11.80
CA PHE D 593 19.67 -18.44 10.93
C PHE D 593 19.04 -17.56 9.86
N PHE D 594 19.78 -16.54 9.45
CA PHE D 594 19.34 -15.58 8.45
C PHE D 594 20.48 -15.33 7.47
N ARG D 595 20.20 -14.51 6.46
CA ARG D 595 21.21 -14.18 5.45
C ARG D 595 20.78 -12.89 4.78
N VAL D 596 21.53 -11.82 5.00
CA VAL D 596 21.19 -10.50 4.50
C VAL D 596 22.08 -10.18 3.32
N ILE D 597 21.50 -9.61 2.26
CA ILE D 597 22.21 -9.23 1.06
C ILE D 597 22.07 -7.73 0.88
N VAL D 598 23.16 -7.07 0.49
CA VAL D 598 23.14 -5.65 0.16
C VAL D 598 23.66 -5.54 -1.27
N LYS D 599 22.76 -5.59 -2.25
CA LYS D 599 23.13 -5.52 -3.64
C LYS D 599 23.13 -4.08 -4.10
N SER D 600 24.20 -3.68 -4.78
CA SER D 600 24.25 -2.37 -5.40
C SER D 600 23.41 -2.37 -6.67
N THR D 601 22.96 -1.18 -7.07
CA THR D 601 22.10 -1.09 -8.24
C THR D 601 22.54 -0.03 -9.24
N ASP D 602 23.82 0.30 -9.31
CA ASP D 602 24.26 1.07 -10.46
C ASP D 602 25.59 0.63 -11.03
N TYR D 603 26.44 -0.01 -10.23
CA TYR D 603 27.74 -0.47 -10.68
C TYR D 603 27.83 -2.00 -10.59
N PHE D 604 29.03 -2.52 -10.84
CA PHE D 604 29.29 -3.95 -10.65
C PHE D 604 30.30 -4.16 -9.53
N THR D 605 30.14 -3.45 -8.42
CA THR D 605 31.10 -3.50 -7.34
C THR D 605 30.88 -4.75 -6.49
N THR D 606 31.60 -4.83 -5.37
CA THR D 606 31.48 -5.94 -4.42
C THR D 606 30.34 -5.67 -3.46
N ASP D 607 29.66 -6.72 -3.04
CA ASP D 607 28.50 -6.57 -2.18
C ASP D 607 28.61 -7.46 -0.95
N LEU D 608 27.52 -7.56 -0.21
CA LEU D 608 27.50 -8.28 1.07
C LEU D 608 26.61 -9.51 0.97
N ASP D 609 27.17 -10.65 1.40
CA ASP D 609 26.39 -11.87 1.57
C ASP D 609 26.90 -12.54 2.84
N ILE D 610 26.27 -12.20 3.97
CA ILE D 610 26.68 -12.69 5.28
C ILE D 610 25.51 -13.40 5.93
N THR D 611 25.82 -14.36 6.79
CA THR D 611 24.82 -15.08 7.55
C THR D 611 24.92 -14.68 9.02
N MET D 612 23.82 -14.18 9.56
CA MET D 612 23.73 -13.76 10.94
C MET D 612 22.62 -14.53 11.62
N ASN D 613 22.91 -15.08 12.79
CA ASN D 613 22.00 -15.97 13.48
C ASN D 613 21.49 -15.32 14.77
N MET D 614 20.21 -15.54 15.05
CA MET D 614 19.59 -15.08 16.28
C MET D 614 19.48 -16.24 17.25
N LYS D 615 19.97 -16.04 18.47
CA LYS D 615 19.90 -17.05 19.52
C LYS D 615 18.86 -16.62 20.54
N VAL D 616 17.61 -16.99 20.28
CA VAL D 616 16.54 -16.71 21.22
C VAL D 616 16.77 -17.55 22.48
N ARG D 617 17.03 -16.88 23.59
CA ARG D 617 17.32 -17.54 24.85
C ARG D 617 16.28 -17.32 25.93
N ASP D 618 15.55 -16.20 25.89
CA ASP D 618 14.52 -15.87 26.87
C ASP D 618 15.08 -15.87 28.29
N ASN E 69 -2.99 -21.94 -22.68
CA ASN E 69 -1.99 -22.69 -21.91
C ASN E 69 -2.68 -23.68 -20.96
N ASP E 70 -3.27 -24.73 -21.54
CA ASP E 70 -3.96 -25.73 -20.73
C ASP E 70 -4.04 -27.04 -21.49
N ALA E 71 -4.29 -28.11 -20.72
CA ALA E 71 -4.45 -29.46 -21.24
C ALA E 71 -5.90 -29.90 -21.28
N HIS E 72 -6.84 -28.95 -21.32
CA HIS E 72 -8.25 -29.28 -21.33
C HIS E 72 -8.73 -29.58 -22.75
N ASP E 73 -8.63 -28.60 -23.64
CA ASP E 73 -9.19 -28.73 -24.99
C ASP E 73 -8.57 -29.89 -25.76
N LEU E 74 -7.40 -30.37 -25.36
CA LEU E 74 -6.77 -31.45 -26.11
C LEU E 74 -7.57 -32.74 -26.00
N TYR E 75 -8.16 -33.00 -24.83
CA TYR E 75 -9.01 -34.18 -24.69
C TYR E 75 -10.25 -34.06 -25.57
N PHE E 76 -10.86 -32.88 -25.61
CA PHE E 76 -12.04 -32.71 -26.46
C PHE E 76 -11.68 -32.88 -27.93
N GLN E 77 -10.49 -32.42 -28.32
CA GLN E 77 -10.02 -32.63 -29.69
C GLN E 77 -9.86 -34.11 -29.97
N ILE E 78 -9.29 -34.86 -29.03
CA ILE E 78 -9.16 -36.31 -29.19
C ILE E 78 -10.53 -36.96 -29.30
N LYS E 79 -11.52 -36.42 -28.58
CA LYS E 79 -12.85 -37.00 -28.62
C LYS E 79 -13.52 -36.76 -29.98
N GLU E 80 -13.41 -35.54 -30.49
CA GLU E 80 -13.97 -35.24 -31.81
C GLU E 80 -13.24 -36.02 -32.90
N MET E 81 -11.96 -36.32 -32.70
CA MET E 81 -11.27 -37.18 -33.66
C MET E 81 -11.69 -38.64 -33.49
N SER E 82 -12.04 -39.05 -32.28
CA SER E 82 -12.51 -40.41 -32.05
C SER E 82 -13.86 -40.63 -32.71
N GLU E 83 -14.69 -39.58 -32.74
CA GLU E 83 -16.01 -39.70 -33.33
C GLU E 83 -15.98 -40.15 -34.79
N ASN E 84 -14.85 -39.99 -35.48
CA ASN E 84 -14.76 -40.31 -36.90
C ASN E 84 -13.61 -41.23 -37.28
N GLU E 85 -12.44 -41.10 -36.66
CA GLU E 85 -11.21 -41.67 -37.19
C GLU E 85 -10.86 -43.04 -36.64
N LYS E 86 -11.70 -43.60 -35.77
CA LYS E 86 -11.49 -44.95 -35.21
C LYS E 86 -10.13 -45.03 -34.51
N ILE E 87 -10.02 -44.26 -33.43
CA ILE E 87 -8.87 -44.40 -32.55
C ILE E 87 -9.17 -45.41 -31.46
N HIS E 88 -8.12 -45.97 -30.88
CA HIS E 88 -8.29 -47.02 -29.90
C HIS E 88 -8.95 -46.48 -28.64
N GLU E 89 -9.63 -47.37 -27.92
CA GLU E 89 -10.49 -46.98 -26.81
C GLU E 89 -9.73 -46.67 -25.53
N LYS E 90 -8.47 -47.10 -25.41
CA LYS E 90 -7.68 -46.76 -24.25
C LYS E 90 -7.10 -45.35 -24.31
N VAL E 91 -6.95 -44.80 -25.52
CA VAL E 91 -6.41 -43.44 -25.65
C VAL E 91 -7.35 -42.44 -24.99
N LEU E 92 -8.65 -42.74 -24.99
CA LEU E 92 -9.59 -41.89 -24.26
C LEU E 92 -9.25 -41.88 -22.77
N LYS E 93 -9.08 -43.06 -22.16
CA LYS E 93 -8.70 -43.10 -20.75
C LYS E 93 -7.39 -42.38 -20.52
N ALA E 94 -6.46 -42.48 -21.47
CA ALA E 94 -5.17 -41.80 -21.31
C ALA E 94 -5.36 -40.29 -21.24
N ALA E 95 -6.04 -39.73 -22.23
CA ALA E 95 -6.29 -38.29 -22.22
C ALA E 95 -7.04 -37.87 -20.98
N LEU E 96 -7.97 -38.71 -20.52
CA LEU E 96 -8.76 -38.38 -19.34
C LEU E 96 -7.88 -38.31 -18.10
N LEU E 97 -7.01 -39.31 -17.91
CA LEU E 97 -6.09 -39.29 -16.79
C LEU E 97 -5.19 -38.06 -16.83
N ASN E 98 -4.74 -37.69 -18.03
CA ASN E 98 -3.89 -36.51 -18.14
C ASN E 98 -4.64 -35.25 -17.72
N ARG E 99 -5.89 -35.08 -18.19
CA ARG E 99 -6.66 -33.90 -17.81
C ARG E 99 -6.91 -33.87 -16.31
N GLY E 100 -7.23 -35.02 -15.73
CA GLY E 100 -7.39 -35.08 -14.29
C GLY E 100 -6.13 -34.66 -13.56
N ALA E 101 -4.97 -35.14 -14.01
CA ALA E 101 -3.72 -34.79 -13.35
C ALA E 101 -3.47 -33.30 -13.42
N GLU E 102 -3.73 -32.69 -14.57
CA GLU E 102 -3.54 -31.25 -14.68
C GLU E 102 -4.48 -30.50 -13.74
N SER E 103 -5.72 -30.96 -13.61
CA SER E 103 -6.65 -30.31 -12.70
C SER E 103 -6.18 -30.41 -11.25
N VAL E 104 -5.63 -31.57 -10.87
CA VAL E 104 -5.15 -31.74 -9.50
C VAL E 104 -3.95 -30.83 -9.22
N ARG E 105 -3.00 -30.78 -10.16
CA ARG E 105 -1.87 -29.87 -9.99
C ARG E 105 -2.33 -28.43 -9.83
N ARG E 106 -3.30 -28.01 -10.66
CA ARG E 106 -3.78 -26.64 -10.56
C ARG E 106 -4.47 -26.38 -9.23
N SER E 107 -5.28 -27.33 -8.76
CA SER E 107 -5.97 -27.14 -7.49
C SER E 107 -4.98 -26.97 -6.34
N LEU E 108 -3.95 -27.83 -6.31
CA LEU E 108 -2.92 -27.69 -5.28
C LEU E 108 -2.21 -26.35 -5.37
N LYS E 109 -1.85 -25.93 -6.60
CA LYS E 109 -1.15 -24.67 -6.77
C LYS E 109 -1.98 -23.50 -6.25
N LEU E 110 -3.27 -23.49 -6.55
CA LEU E 110 -4.12 -22.37 -6.12
C LEU E 110 -4.35 -22.40 -4.61
N LYS E 111 -4.58 -23.60 -4.04
CA LYS E 111 -4.73 -23.71 -2.60
C LYS E 111 -3.50 -23.20 -1.88
N GLU E 112 -2.31 -23.43 -2.44
CA GLU E 112 -1.09 -22.97 -1.81
C GLU E 112 -0.81 -21.49 -2.08
N LEU E 113 -1.29 -20.95 -3.20
CA LEU E 113 -0.98 -19.56 -3.55
C LEU E 113 -2.00 -18.56 -3.04
N ALA E 114 -3.15 -19.01 -2.53
CA ALA E 114 -4.13 -18.06 -1.99
C ALA E 114 -3.56 -17.08 -0.96
N PRO E 115 -2.80 -17.50 0.06
CA PRO E 115 -2.43 -16.54 1.12
C PRO E 115 -1.53 -15.41 0.65
N GLN E 116 -0.52 -15.70 -0.18
CA GLN E 116 0.40 -14.65 -0.60
C GLN E 116 -0.29 -13.64 -1.52
N ILE E 117 -1.15 -14.12 -2.41
CA ILE E 117 -1.93 -13.20 -3.24
C ILE E 117 -2.82 -12.33 -2.37
N ASN E 118 -3.46 -12.93 -1.36
CA ASN E 118 -4.32 -12.15 -0.48
C ASN E 118 -3.53 -11.09 0.26
N LEU E 119 -2.33 -11.43 0.74
CA LEU E 119 -1.51 -10.46 1.44
C LEU E 119 -1.08 -9.33 0.51
N LEU E 120 -0.68 -9.67 -0.72
CA LEU E 120 -0.31 -8.63 -1.67
C LEU E 120 -1.49 -7.71 -1.99
N TYR E 121 -2.70 -8.27 -2.00
CA TYR E 121 -3.87 -7.44 -2.27
C TYR E 121 -4.16 -6.52 -1.09
N LYS E 122 -4.04 -7.03 0.13
CA LYS E 122 -4.27 -6.20 1.31
C LYS E 122 -3.23 -5.11 1.44
N ASN E 123 -1.97 -5.39 1.07
CA ASN E 123 -0.96 -4.35 1.11
C ASN E 123 -1.17 -3.33 -0.01
N GLY E 124 -1.94 -3.67 -1.03
CA GLY E 124 -2.28 -2.74 -2.08
C GLY E 124 -1.20 -2.55 -3.13
N SER E 125 -0.82 -3.64 -3.80
CA SER E 125 0.12 -3.55 -4.91
C SER E 125 -0.27 -4.44 -6.08
N ILE E 126 -1.52 -4.90 -6.15
CA ILE E 126 -1.93 -5.85 -7.18
C ILE E 126 -3.15 -5.32 -7.91
N GLY E 127 -3.83 -4.34 -7.34
CA GLY E 127 -5.05 -3.82 -7.93
C GLY E 127 -6.28 -4.35 -7.24
N GLU E 128 -7.39 -4.30 -7.98
CA GLU E 128 -8.69 -4.72 -7.45
C GLU E 128 -9.33 -5.85 -8.23
N ASP E 129 -9.35 -5.77 -9.56
CA ASP E 129 -10.06 -6.77 -10.35
C ASP E 129 -9.34 -8.12 -10.37
N TYR E 130 -8.03 -8.11 -10.16
CA TYR E 130 -7.29 -9.36 -10.21
C TYR E 130 -7.72 -10.29 -9.08
N TRP E 131 -8.05 -9.74 -7.92
CA TRP E 131 -8.49 -10.59 -6.81
C TRP E 131 -9.81 -11.26 -7.13
N LYS E 132 -10.73 -10.54 -7.77
CA LYS E 132 -12.00 -11.15 -8.17
C LYS E 132 -11.79 -12.20 -9.25
N ARG E 133 -10.89 -11.92 -10.21
CA ARG E 133 -10.56 -12.93 -11.22
C ARG E 133 -10.00 -14.18 -10.57
N PHE E 134 -9.15 -14.01 -9.55
CA PHE E 134 -8.60 -15.13 -8.81
C PHE E 134 -9.70 -15.93 -8.13
N GLU E 135 -10.59 -15.25 -7.41
CA GLU E 135 -11.67 -15.94 -6.72
C GLU E 135 -12.58 -16.67 -7.70
N THR E 136 -12.74 -16.15 -8.91
CA THR E 136 -13.52 -16.86 -9.92
C THR E 136 -12.77 -18.11 -10.38
N GLU E 137 -11.47 -18.01 -10.60
CA GLU E 137 -10.71 -19.18 -11.04
C GLU E 137 -10.71 -20.29 -9.99
N VAL E 138 -10.72 -19.92 -8.70
CA VAL E 138 -10.69 -20.93 -7.65
C VAL E 138 -11.87 -21.89 -7.78
N LYS E 139 -13.06 -21.36 -8.07
CA LYS E 139 -14.23 -22.22 -8.21
C LYS E 139 -14.37 -22.81 -9.61
N LEU E 140 -13.90 -22.11 -10.64
CA LEU E 140 -13.94 -22.68 -11.97
C LEU E 140 -13.11 -23.96 -12.03
N ILE E 141 -11.96 -23.98 -11.35
CA ILE E 141 -11.13 -25.18 -11.33
C ILE E 141 -11.88 -26.33 -10.66
N GLU E 142 -12.61 -26.04 -9.59
CA GLU E 142 -13.34 -27.09 -8.88
C GLU E 142 -14.45 -27.67 -9.76
N LEU E 143 -15.19 -26.79 -10.44
CA LEU E 143 -16.24 -27.28 -11.34
C LEU E 143 -15.64 -28.11 -12.48
N GLU E 144 -14.48 -27.69 -13.00
CA GLU E 144 -13.82 -28.48 -14.03
C GLU E 144 -13.43 -29.86 -13.52
N PHE E 145 -12.89 -29.91 -12.30
CA PHE E 145 -12.54 -31.20 -11.71
C PHE E 145 -13.77 -32.08 -11.55
N LYS E 146 -14.88 -31.50 -11.11
CA LYS E 146 -16.10 -32.28 -10.92
C LYS E 146 -16.62 -32.81 -12.25
N ASP E 147 -16.60 -31.98 -13.29
CA ASP E 147 -17.01 -32.42 -14.63
C ASP E 147 -16.13 -33.56 -15.12
N THR E 148 -14.82 -33.45 -14.90
CA THR E 148 -13.91 -34.50 -15.34
C THR E 148 -14.20 -35.80 -14.61
N LEU E 149 -14.42 -35.73 -13.29
CA LEU E 149 -14.70 -36.94 -12.53
C LEU E 149 -16.02 -37.57 -12.97
N GLN E 150 -17.01 -36.74 -13.29
CA GLN E 150 -18.28 -37.26 -13.80
C GLN E 150 -18.09 -37.97 -15.13
N GLU E 151 -17.32 -37.36 -16.03
CA GLU E 151 -17.03 -38.02 -17.31
C GLU E 151 -16.30 -39.34 -17.07
N ALA E 152 -15.42 -39.39 -16.09
CA ALA E 152 -14.71 -40.62 -15.77
C ALA E 152 -15.69 -41.70 -15.29
N GLU E 153 -16.57 -41.34 -14.36
CA GLU E 153 -17.60 -42.28 -13.92
C GLU E 153 -18.42 -42.79 -15.10
N ARG E 154 -18.74 -41.89 -16.04
CA ARG E 154 -19.46 -42.32 -17.23
C ARG E 154 -18.66 -43.33 -18.04
N LEU E 155 -17.34 -43.12 -18.12
CA LEU E 155 -16.53 -43.95 -19.01
C LEU E 155 -16.41 -45.38 -18.51
N GLN E 156 -16.30 -45.57 -17.19
CA GLN E 156 -16.18 -46.91 -16.64
C GLN E 156 -17.02 -47.02 -15.38
N PRO E 157 -17.77 -48.11 -15.22
CA PRO E 157 -18.62 -48.27 -14.04
C PRO E 157 -17.79 -48.54 -12.78
N GLY E 158 -18.19 -47.91 -11.68
CA GLY E 158 -17.53 -48.08 -10.40
C GLY E 158 -16.05 -47.79 -10.45
N TRP E 159 -15.70 -46.63 -10.99
CA TRP E 159 -14.31 -46.29 -11.26
C TRP E 159 -14.01 -44.86 -10.84
N VAL E 160 -14.49 -44.47 -9.65
CA VAL E 160 -14.22 -43.12 -9.17
C VAL E 160 -13.43 -43.19 -7.87
N GLN E 161 -13.65 -44.23 -7.07
CA GLN E 161 -12.88 -44.38 -5.84
C GLN E 161 -11.40 -44.61 -6.12
N LEU E 162 -11.07 -45.25 -7.23
CA LEU E 162 -9.70 -45.48 -7.64
C LEU E 162 -9.13 -44.32 -8.43
N PHE E 163 -10.01 -43.54 -9.07
CA PHE E 163 -9.55 -42.51 -9.99
C PHE E 163 -8.83 -41.38 -9.25
N VAL E 164 -9.35 -40.95 -8.11
CA VAL E 164 -8.74 -39.83 -7.42
C VAL E 164 -7.35 -40.21 -6.91
N MET E 165 -7.18 -41.45 -6.45
CA MET E 165 -5.85 -41.89 -6.02
C MET E 165 -4.90 -41.98 -7.20
N VAL E 166 -5.31 -42.62 -8.30
CA VAL E 166 -4.44 -42.71 -9.47
C VAL E 166 -4.05 -41.31 -9.94
N CYS E 167 -4.97 -40.37 -9.87
CA CYS E 167 -4.69 -39.01 -10.32
C CYS E 167 -3.71 -38.30 -9.38
N LYS E 168 -3.96 -38.37 -8.08
CA LYS E 168 -3.06 -37.74 -7.12
C LYS E 168 -1.65 -38.30 -7.23
N GLU E 169 -1.51 -39.55 -7.69
CA GLU E 169 -0.16 -40.06 -7.89
C GLU E 169 0.46 -39.56 -9.18
N ILE E 170 -0.26 -39.66 -10.30
CA ILE E 170 0.35 -39.31 -11.59
C ILE E 170 0.71 -37.83 -11.65
N CYS E 171 -0.01 -36.98 -10.93
CA CYS E 171 0.37 -35.57 -10.90
C CYS E 171 1.80 -35.39 -10.42
N PHE E 172 2.08 -35.81 -9.19
CA PHE E 172 3.42 -35.67 -8.64
C PHE E 172 4.45 -36.42 -9.48
N ASN E 173 4.10 -37.62 -9.96
CA ASN E 173 5.10 -38.41 -10.66
C ASN E 173 5.53 -37.74 -11.95
N GLN E 174 4.58 -37.26 -12.76
CA GLN E 174 5.00 -36.62 -14.00
C GLN E 174 5.62 -35.26 -13.75
N ALA E 175 5.29 -34.58 -12.64
CA ALA E 175 6.03 -33.37 -12.30
C ALA E 175 7.51 -33.68 -12.07
N LEU E 176 7.79 -34.73 -11.30
CA LEU E 176 9.17 -35.14 -11.10
C LEU E 176 9.85 -35.47 -12.43
N SER E 177 9.16 -36.21 -13.30
CA SER E 177 9.77 -36.61 -14.57
C SER E 177 10.15 -35.39 -15.40
N ARG E 178 9.26 -34.39 -15.46
CA ARG E 178 9.60 -33.20 -16.23
C ARG E 178 10.78 -32.45 -15.62
N ARG E 179 10.79 -32.30 -14.29
CA ARG E 179 11.93 -31.62 -13.66
C ARG E 179 13.23 -32.34 -13.97
N TYR E 180 13.21 -33.66 -14.00
CA TYR E 180 14.45 -34.38 -14.29
C TYR E 180 14.81 -34.29 -15.76
N GLN E 181 13.82 -34.18 -16.65
CA GLN E 181 14.13 -33.99 -18.05
C GLN E 181 14.77 -32.64 -18.32
N SER E 182 14.49 -31.64 -17.48
CA SER E 182 14.97 -30.29 -17.78
C SER E 182 16.48 -30.13 -17.73
N ILE E 183 17.24 -31.04 -17.13
CA ILE E 183 18.67 -30.77 -16.96
C ILE E 183 19.42 -30.91 -18.27
N LEU E 184 18.92 -31.73 -19.21
CA LEU E 184 19.60 -31.88 -20.49
C LEU E 184 19.66 -30.57 -21.25
N LYS E 185 18.73 -29.65 -20.99
CA LYS E 185 18.83 -28.31 -21.54
C LYS E 185 19.54 -27.37 -20.57
N ARG E 186 19.23 -27.47 -19.28
CA ARG E 186 19.82 -26.57 -18.29
C ARG E 186 21.34 -26.69 -18.25
N LYS E 187 21.91 -27.77 -18.77
CA LYS E 187 23.35 -27.96 -18.72
C LYS E 187 24.10 -26.99 -19.64
N GLU E 188 23.44 -26.45 -20.67
CA GLU E 188 24.13 -25.59 -21.61
C GLU E 188 23.97 -24.09 -21.31
N VAL E 189 22.92 -23.71 -20.58
CA VAL E 189 22.78 -22.30 -20.20
C VAL E 189 23.92 -21.89 -19.27
N CYS E 190 24.34 -22.80 -18.39
CA CYS E 190 25.48 -22.50 -17.52
C CYS E 190 26.75 -22.31 -18.33
N ILE E 191 26.96 -23.14 -19.35
CA ILE E 191 28.13 -23.00 -20.20
C ILE E 191 28.11 -21.65 -20.91
N LYS E 192 26.96 -21.28 -21.48
CA LYS E 192 26.89 -20.00 -22.17
C LYS E 192 27.05 -18.83 -21.22
N GLU E 193 26.58 -18.97 -19.98
CA GLU E 193 26.65 -17.88 -19.02
C GLU E 193 28.06 -17.67 -18.47
N TRP E 194 28.78 -18.73 -18.16
CA TRP E 194 30.11 -18.59 -17.57
C TRP E 194 31.23 -18.73 -18.60
N GLU E 195 30.89 -18.86 -19.88
CA GLU E 195 31.89 -18.90 -20.96
C GLU E 195 32.93 -19.99 -20.72
N LEU E 196 32.50 -21.12 -20.19
CA LEU E 196 33.38 -22.25 -20.01
C LEU E 196 33.75 -22.87 -21.36
N LYS E 197 34.83 -23.65 -21.36
CA LYS E 197 35.26 -24.42 -22.51
C LYS E 197 35.45 -25.86 -22.05
N ILE E 198 34.45 -26.69 -22.28
CA ILE E 198 34.47 -28.08 -21.84
C ILE E 198 34.57 -28.97 -23.07
N ASN E 199 35.64 -29.75 -23.15
CA ASN E 199 35.86 -30.67 -24.26
C ASN E 199 35.00 -31.90 -24.06
N ASN E 200 35.28 -32.96 -24.83
CA ASN E 200 34.61 -34.23 -24.61
C ASN E 200 34.96 -34.76 -23.23
N ASP E 201 34.15 -35.72 -22.76
CA ASP E 201 34.26 -36.35 -21.45
C ASP E 201 33.93 -35.39 -20.31
N GLY E 202 33.38 -34.22 -20.61
CA GLY E 202 32.95 -33.30 -19.57
C GLY E 202 34.04 -32.65 -18.75
N ARG E 203 35.31 -32.95 -19.01
CA ARG E 203 36.40 -32.39 -18.24
C ARG E 203 36.56 -30.90 -18.54
N LEU E 204 37.50 -30.28 -17.82
CA LEU E 204 37.82 -28.88 -18.03
C LEU E 204 39.14 -28.75 -18.77
N VAL E 205 39.14 -27.93 -19.83
CA VAL E 205 40.34 -27.72 -20.63
C VAL E 205 40.84 -26.30 -20.38
N ASN E 206 40.29 -25.66 -19.35
CA ASN E 206 40.67 -24.30 -18.96
C ASN E 206 40.48 -23.31 -20.11
N THR F 3 -3.18 -28.87 -35.32
CA THR F 3 -3.83 -30.15 -35.57
C THR F 3 -2.96 -31.31 -35.11
N LEU F 4 -3.47 -32.53 -35.27
CA LEU F 4 -2.78 -33.71 -34.79
C LEU F 4 -3.34 -34.98 -35.44
N GLU F 5 -2.45 -35.81 -35.98
CA GLU F 5 -2.87 -37.04 -36.65
C GLU F 5 -2.60 -38.25 -35.77
N TYR F 6 -3.55 -39.17 -35.75
CA TYR F 6 -3.46 -40.38 -34.94
C TYR F 6 -2.87 -41.50 -35.76
N ASN F 7 -1.71 -42.00 -35.35
CA ASN F 7 -1.13 -43.17 -35.99
C ASN F 7 -2.03 -44.38 -35.77
N ALA F 8 -1.96 -45.33 -36.69
CA ALA F 8 -2.86 -46.48 -36.67
C ALA F 8 -2.28 -47.65 -35.88
N ASN F 9 -1.08 -48.10 -36.25
CA ASN F 9 -0.51 -49.29 -35.65
C ASN F 9 0.24 -49.02 -34.35
N SER F 10 0.94 -47.89 -34.25
CA SER F 10 1.75 -47.61 -33.08
C SER F 10 0.93 -47.10 -31.90
N LYS F 11 -0.31 -46.69 -32.13
CA LYS F 11 -1.20 -46.19 -31.07
C LYS F 11 -0.62 -44.97 -30.37
N LEU F 12 0.24 -44.23 -31.05
CA LEU F 12 0.79 -42.98 -30.53
C LEU F 12 0.13 -41.81 -31.23
N ILE F 13 -0.23 -40.79 -30.46
CA ILE F 13 -0.75 -39.56 -31.01
C ILE F 13 0.42 -38.66 -31.38
N THR F 14 0.45 -38.20 -32.63
CA THR F 14 1.54 -37.40 -33.13
C THR F 14 1.01 -36.09 -33.70
N ALA F 15 1.66 -34.99 -33.35
CA ALA F 15 1.30 -33.70 -33.91
C ALA F 15 1.87 -33.58 -35.32
N SER F 16 1.01 -33.21 -36.27
CA SER F 16 1.41 -33.11 -37.66
C SER F 16 1.65 -31.68 -38.12
N ASP F 17 1.36 -30.69 -37.27
CA ASP F 17 1.64 -29.30 -37.63
C ASP F 17 3.15 -29.07 -37.70
N ALA F 18 3.53 -27.99 -38.39
CA ALA F 18 4.93 -27.68 -38.56
C ALA F 18 5.56 -27.04 -37.32
N VAL F 19 4.89 -26.06 -36.72
CA VAL F 19 5.38 -25.37 -35.55
C VAL F 19 4.31 -25.46 -34.46
N VAL F 20 4.64 -26.15 -33.37
CA VAL F 20 3.76 -26.28 -32.23
C VAL F 20 4.45 -25.70 -31.01
N ALA F 21 3.68 -25.10 -30.11
CA ALA F 21 4.25 -24.51 -28.91
C ALA F 21 4.82 -25.61 -28.02
N LEU F 22 5.48 -25.20 -26.94
CA LEU F 22 6.19 -26.17 -26.10
C LEU F 22 5.25 -26.95 -25.20
N SER F 23 4.26 -26.28 -24.60
CA SER F 23 3.35 -26.95 -23.69
C SER F 23 2.61 -28.09 -24.38
N THR F 24 2.18 -27.85 -25.62
CA THR F 24 1.48 -28.89 -26.37
C THR F 24 2.40 -30.07 -26.65
N GLU F 25 3.68 -29.81 -26.91
CA GLU F 25 4.61 -30.91 -27.13
C GLU F 25 4.79 -31.75 -25.88
N THR F 26 4.99 -31.09 -24.73
CA THR F 26 5.13 -31.83 -23.49
C THR F 26 3.87 -32.66 -23.20
N ASN F 27 2.70 -32.08 -23.43
CA ASN F 27 1.47 -32.81 -23.16
C ASN F 27 1.30 -34.00 -24.09
N ILE F 28 1.66 -33.84 -25.36
CA ILE F 28 1.53 -34.96 -26.29
C ILE F 28 2.52 -36.07 -25.93
N ASP F 29 3.71 -35.70 -25.46
CA ASP F 29 4.64 -36.72 -24.99
C ASP F 29 4.07 -37.47 -23.79
N GLN F 30 3.51 -36.74 -22.82
CA GLN F 30 2.94 -37.40 -21.65
C GLN F 30 1.81 -38.35 -22.05
N ILE F 31 0.96 -37.94 -22.98
CA ILE F 31 -0.16 -38.78 -23.37
C ILE F 31 0.33 -40.00 -24.16
N ASN F 32 1.38 -39.83 -24.97
CA ASN F 32 2.00 -40.98 -25.61
C ASN F 32 2.49 -41.99 -24.58
N VAL F 33 3.16 -41.51 -23.53
CA VAL F 33 3.71 -42.43 -22.52
C VAL F 33 2.59 -43.14 -21.78
N LEU F 34 1.58 -42.38 -21.35
CA LEU F 34 0.44 -42.99 -20.66
C LEU F 34 -0.25 -44.02 -21.53
N THR F 35 -0.42 -43.74 -22.82
CA THR F 35 -1.10 -44.68 -23.71
C THR F 35 -0.27 -45.95 -23.90
N THR F 36 1.03 -45.80 -24.19
CA THR F 36 1.88 -46.95 -24.36
C THR F 36 1.99 -47.78 -23.09
N SER F 37 1.83 -47.15 -21.91
CA SER F 37 1.88 -47.92 -20.68
C SER F 37 0.55 -48.63 -20.42
N LEU F 38 -0.58 -47.97 -20.66
CA LEU F 38 -1.87 -48.63 -20.51
C LEU F 38 -2.00 -49.79 -21.49
N ILE F 39 -1.36 -49.70 -22.65
CA ILE F 39 -1.40 -50.81 -23.60
C ILE F 39 -0.68 -52.03 -23.02
N GLY F 40 0.44 -51.79 -22.32
CA GLY F 40 1.16 -52.91 -21.74
C GLY F 40 0.48 -53.47 -20.50
N GLU F 41 -0.15 -52.61 -19.70
CA GLU F 41 -0.83 -53.05 -18.49
C GLU F 41 -2.19 -53.63 -18.87
N THR F 42 -2.38 -54.92 -18.61
CA THR F 42 -3.55 -55.64 -19.11
C THR F 42 -4.72 -55.68 -18.13
N ASN F 43 -4.47 -55.43 -16.85
CA ASN F 43 -5.56 -55.48 -15.88
C ASN F 43 -6.49 -54.29 -16.07
N PRO F 44 -7.80 -54.51 -16.12
CA PRO F 44 -8.72 -53.37 -16.34
C PRO F 44 -8.71 -52.38 -15.21
N ASN F 45 -8.64 -52.84 -13.96
CA ASN F 45 -8.61 -51.95 -12.80
C ASN F 45 -7.22 -52.05 -12.15
N PHE F 46 -6.34 -51.16 -12.59
CA PHE F 46 -4.96 -51.16 -12.12
C PHE F 46 -4.87 -50.66 -10.69
N THR F 47 -3.80 -51.04 -10.01
CA THR F 47 -3.55 -50.68 -8.62
C THR F 47 -2.22 -49.93 -8.50
N PRO F 48 -2.15 -48.92 -7.64
CA PRO F 48 -0.87 -48.22 -7.44
C PRO F 48 0.22 -49.09 -6.85
N GLN F 49 -0.06 -50.37 -6.65
CA GLN F 49 0.97 -51.28 -6.16
C GLN F 49 2.07 -51.41 -7.20
N PRO F 50 3.33 -51.23 -6.83
CA PRO F 50 4.42 -51.22 -7.80
C PRO F 50 4.63 -52.58 -8.44
N ASN F 51 5.34 -52.56 -9.57
CA ASN F 51 5.66 -53.78 -10.29
C ASN F 51 6.92 -54.42 -9.72
N GLU F 52 7.09 -55.71 -9.98
CA GLU F 52 8.16 -56.49 -9.39
C GLU F 52 9.24 -56.89 -10.37
N ALA F 53 8.87 -57.33 -11.57
CA ALA F 53 9.88 -57.70 -12.57
C ALA F 53 10.74 -56.50 -12.94
N LEU F 54 10.13 -55.33 -13.10
CA LEU F 54 10.89 -54.12 -13.41
C LEU F 54 11.86 -53.79 -12.29
N SER F 55 11.41 -53.89 -11.04
CA SER F 55 12.28 -53.59 -9.91
C SER F 55 13.44 -54.58 -9.83
N LYS F 56 13.16 -55.86 -10.06
CA LYS F 56 14.21 -56.87 -10.03
C LYS F 56 15.24 -56.61 -11.12
N MET F 57 14.78 -56.28 -12.33
CA MET F 57 15.73 -56.03 -13.42
C MET F 57 16.52 -54.76 -13.19
N ILE F 58 15.88 -53.73 -12.63
CA ILE F 58 16.59 -52.50 -12.28
C ILE F 58 17.69 -52.79 -11.27
N LYS F 59 17.36 -53.55 -10.23
CA LYS F 59 18.35 -53.90 -9.22
C LYS F 59 19.47 -54.74 -9.82
N GLY F 60 19.14 -55.64 -10.76
CA GLY F 60 20.16 -56.43 -11.40
C GLY F 60 21.14 -55.57 -12.18
N LEU F 61 20.62 -54.64 -12.98
CA LEU F 61 21.50 -53.73 -13.72
C LEU F 61 22.33 -52.88 -12.78
N PHE F 62 21.72 -52.38 -11.70
CA PHE F 62 22.45 -51.54 -10.77
C PHE F 62 23.56 -52.32 -10.07
N GLU F 63 23.32 -53.57 -9.73
CA GLU F 63 24.35 -54.38 -9.08
C GLU F 63 25.46 -54.72 -10.07
N SER F 64 25.10 -55.04 -11.31
CA SER F 64 26.12 -55.29 -12.32
C SER F 64 26.97 -54.05 -12.57
N GLY F 65 26.39 -52.87 -12.43
CA GLY F 65 27.17 -51.66 -12.57
C GLY F 65 28.05 -51.38 -11.36
N MET F 66 27.52 -51.64 -10.16
CA MET F 66 28.28 -51.36 -8.95
C MET F 66 29.40 -52.36 -8.74
N LYS F 67 29.29 -53.56 -9.31
CA LYS F 67 30.33 -54.57 -9.15
C LYS F 67 31.65 -54.16 -9.78
N ASN F 68 31.63 -53.18 -10.70
CA ASN F 68 32.86 -52.73 -11.32
C ASN F 68 33.76 -51.99 -10.34
N LEU F 69 33.24 -51.59 -9.18
CA LEU F 69 34.10 -50.98 -8.16
C LEU F 69 35.13 -51.98 -7.64
N GLN F 70 34.72 -53.23 -7.44
CA GLN F 70 35.66 -54.24 -7.01
C GLN F 70 36.71 -54.52 -8.08
N GLN F 71 36.31 -54.47 -9.34
CA GLN F 71 37.23 -54.68 -10.46
C GLN F 71 38.04 -53.44 -10.80
N LYS F 72 37.88 -52.35 -10.03
CA LYS F 72 38.59 -51.09 -10.26
C LYS F 72 38.31 -50.54 -11.65
N LYS F 73 37.12 -50.82 -12.18
CA LYS F 73 36.70 -50.30 -13.48
C LYS F 73 35.81 -49.08 -13.23
N LEU F 74 36.37 -47.90 -13.46
CA LEU F 74 35.68 -46.66 -13.14
C LEU F 74 35.06 -45.98 -14.35
N ASN F 75 35.13 -46.60 -15.53
CA ASN F 75 34.55 -45.98 -16.71
C ASN F 75 33.22 -46.59 -17.10
N GLU F 76 33.14 -47.93 -17.13
CA GLU F 76 31.89 -48.57 -17.54
C GLU F 76 30.87 -48.63 -16.42
N ALA F 77 31.29 -48.49 -15.16
CA ALA F 77 30.34 -48.46 -14.06
C ALA F 77 29.42 -47.25 -14.17
N LEU F 78 29.98 -46.11 -14.60
CA LEU F 78 29.16 -44.92 -14.82
C LEU F 78 28.14 -45.16 -15.92
N LYS F 79 28.55 -45.80 -17.02
CA LYS F 79 27.62 -46.11 -18.10
C LYS F 79 26.51 -47.04 -17.63
N ASN F 80 26.86 -48.06 -16.83
CA ASN F 80 25.86 -48.99 -16.34
C ASN F 80 24.87 -48.29 -15.41
N VAL F 81 25.36 -47.45 -14.52
CA VAL F 81 24.46 -46.74 -13.61
C VAL F 81 23.57 -45.78 -14.38
N SER F 82 24.12 -45.12 -15.40
CA SER F 82 23.31 -44.25 -16.23
C SER F 82 22.20 -45.03 -16.94
N LEU F 83 22.53 -46.21 -17.46
CA LEU F 83 21.52 -47.03 -18.11
C LEU F 83 20.45 -47.48 -17.12
N ALA F 84 20.85 -47.82 -15.91
CA ALA F 84 19.88 -48.24 -14.90
C ALA F 84 18.94 -47.09 -14.52
N ILE F 85 19.50 -45.89 -14.34
CA ILE F 85 18.65 -44.74 -14.03
C ILE F 85 17.72 -44.44 -15.20
N GLU F 86 18.22 -44.56 -16.43
CA GLU F 86 17.36 -44.31 -17.59
C GLU F 86 16.21 -45.31 -17.65
N MET F 87 16.48 -46.57 -17.34
CA MET F 87 15.41 -47.55 -17.33
C MET F 87 14.39 -47.24 -16.24
N ALA F 88 14.86 -46.96 -15.03
CA ALA F 88 13.95 -46.66 -13.93
C ALA F 88 13.21 -45.34 -14.17
N GLN F 89 13.70 -44.53 -15.10
CA GLN F 89 12.99 -43.30 -15.44
C GLN F 89 11.98 -43.52 -16.55
N ARG F 90 12.27 -44.43 -17.48
CA ARG F 90 11.41 -44.62 -18.66
C ARG F 90 10.36 -45.69 -18.44
N LYS F 91 10.78 -46.92 -18.14
CA LYS F 91 9.88 -48.07 -18.17
C LYS F 91 9.09 -48.25 -16.88
N ARG F 92 8.96 -47.21 -16.06
CA ARG F 92 8.18 -47.27 -14.84
C ARG F 92 6.91 -46.45 -15.06
N ALA F 93 5.76 -47.12 -15.13
CA ALA F 93 4.52 -46.47 -15.48
C ALA F 93 4.22 -45.33 -14.49
N PRO F 94 3.71 -44.21 -14.99
CA PRO F 94 3.55 -43.04 -14.12
C PRO F 94 2.55 -43.21 -12.99
N TRP F 95 1.66 -44.20 -13.06
CA TRP F 95 0.72 -44.34 -11.95
C TRP F 95 1.25 -45.20 -10.81
N GLU F 96 2.53 -45.57 -10.82
CA GLU F 96 3.10 -46.28 -9.69
C GLU F 96 3.46 -45.29 -8.59
N ALA F 97 3.51 -45.80 -7.36
CA ALA F 97 3.52 -44.94 -6.18
C ALA F 97 4.67 -43.94 -6.22
N PHE F 98 4.52 -42.86 -5.46
CA PHE F 98 5.54 -41.83 -5.44
C PHE F 98 6.62 -42.14 -4.41
N ALA F 99 6.22 -42.52 -3.20
CA ALA F 99 7.18 -42.77 -2.13
C ALA F 99 8.01 -44.03 -2.36
N ILE F 100 7.79 -44.76 -3.44
CA ILE F 100 8.65 -45.88 -3.80
C ILE F 100 9.41 -45.62 -5.09
N GLN F 101 9.01 -44.61 -5.88
CA GLN F 101 9.77 -44.24 -7.05
C GLN F 101 10.75 -43.11 -6.78
N LEU F 102 10.57 -42.36 -5.70
CA LEU F 102 11.50 -41.29 -5.37
C LEU F 102 12.78 -41.83 -4.71
N PRO F 103 12.68 -42.60 -3.61
CA PRO F 103 13.92 -43.04 -2.94
C PRO F 103 14.79 -43.95 -3.79
N GLU F 104 14.22 -44.78 -4.66
CA GLU F 104 15.06 -45.57 -5.56
C GLU F 104 15.87 -44.67 -6.47
N LEU F 105 15.22 -43.66 -7.05
CA LEU F 105 15.93 -42.71 -7.89
C LEU F 105 17.03 -42.00 -7.12
N HIS F 106 16.76 -41.59 -5.87
CA HIS F 106 17.78 -40.89 -5.11
C HIS F 106 18.95 -41.80 -4.76
N PHE F 107 18.66 -43.03 -4.34
CA PHE F 107 19.73 -43.94 -3.96
C PHE F 107 20.60 -44.32 -5.16
N MET F 108 20.03 -44.34 -6.37
CA MET F 108 20.88 -44.60 -7.52
C MET F 108 21.62 -43.34 -7.97
N LEU F 109 20.96 -42.19 -7.89
CA LEU F 109 21.56 -40.95 -8.37
C LEU F 109 22.73 -40.51 -7.49
N ARG F 110 22.65 -40.76 -6.18
CA ARG F 110 23.76 -40.40 -5.31
C ARG F 110 25.01 -41.21 -5.64
N SER F 111 24.84 -42.51 -5.90
CA SER F 111 25.98 -43.32 -6.31
C SER F 111 26.53 -42.84 -7.64
N LYS F 112 25.66 -42.49 -8.59
CA LYS F 112 26.14 -41.94 -9.85
C LYS F 112 26.93 -40.65 -9.63
N ILE F 113 26.48 -39.81 -8.70
CA ILE F 113 27.18 -38.55 -8.44
C ILE F 113 28.57 -38.81 -7.88
N ASP F 114 28.65 -39.70 -6.89
CA ASP F 114 29.96 -40.03 -6.32
C ASP F 114 30.89 -40.57 -7.40
N LEU F 115 30.38 -41.47 -8.25
CA LEU F 115 31.22 -42.07 -9.28
C LEU F 115 31.68 -41.03 -10.29
N CYS F 116 30.77 -40.16 -10.74
CA CYS F 116 31.12 -39.15 -11.73
C CYS F 116 32.09 -38.13 -11.16
N LEU F 117 31.97 -37.81 -9.87
CA LEU F 117 32.87 -36.84 -9.27
C LEU F 117 34.24 -37.43 -9.03
N ILE F 118 34.33 -38.74 -8.77
CA ILE F 118 35.63 -39.37 -8.69
C ILE F 118 36.28 -39.48 -10.06
N LEU F 119 35.47 -39.78 -11.09
CA LEU F 119 36.02 -40.02 -12.41
C LEU F 119 36.68 -38.77 -12.99
N GLY F 120 36.04 -37.62 -12.85
CA GLY F 120 36.65 -36.38 -13.28
C GLY F 120 35.69 -35.36 -13.88
N LYS F 121 34.55 -35.81 -14.37
CA LYS F 121 33.55 -34.91 -14.96
C LYS F 121 32.92 -34.11 -13.82
N HIS F 122 32.85 -32.79 -14.00
CA HIS F 122 32.38 -31.91 -12.93
C HIS F 122 31.04 -31.24 -13.22
N LEU F 123 30.81 -30.79 -14.45
CA LEU F 123 29.57 -30.08 -14.73
C LEU F 123 28.36 -30.99 -14.58
N GLU F 124 28.46 -32.23 -15.08
CA GLU F 124 27.37 -33.18 -14.91
C GLU F 124 27.10 -33.46 -13.45
N ALA F 125 28.15 -33.59 -12.64
CA ALA F 125 27.98 -33.83 -11.23
C ALA F 125 27.31 -32.65 -10.54
N LEU F 126 27.71 -31.43 -10.87
CA LEU F 126 27.07 -30.27 -10.26
C LEU F 126 25.60 -30.19 -10.63
N GLN F 127 25.26 -30.50 -11.89
CA GLN F 127 23.86 -30.41 -12.29
C GLN F 127 23.02 -31.49 -11.60
N ASP F 128 23.54 -32.72 -11.53
CA ASP F 128 22.84 -33.76 -10.79
C ASP F 128 22.64 -33.36 -9.34
N LEU F 129 23.66 -32.76 -8.72
CA LEU F 129 23.53 -32.33 -7.34
C LEU F 129 22.48 -31.25 -7.20
N ASP F 130 22.37 -30.36 -8.19
CA ASP F 130 21.37 -29.31 -8.09
C ASP F 130 19.96 -29.89 -8.17
N PHE F 131 19.74 -30.87 -9.05
CA PHE F 131 18.41 -31.50 -9.08
C PHE F 131 18.13 -32.24 -7.78
N LEU F 132 19.12 -33.00 -7.29
CA LEU F 132 18.95 -33.78 -6.08
C LEU F 132 18.64 -32.88 -4.89
N LEU F 133 19.20 -31.68 -4.87
CA LEU F 133 18.97 -30.77 -3.75
C LEU F 133 17.72 -29.92 -3.95
N GLY F 134 17.27 -29.78 -5.19
CA GLY F 134 16.05 -29.02 -5.42
C GLY F 134 14.78 -29.83 -5.28
N THR F 135 14.87 -31.15 -5.38
CA THR F 135 13.67 -31.95 -5.23
C THR F 135 13.27 -32.19 -3.79
N GLY F 136 14.05 -31.71 -2.81
CA GLY F 136 13.65 -31.81 -1.42
C GLY F 136 14.54 -32.62 -0.52
N LEU F 137 15.85 -32.64 -0.78
CA LEU F 137 16.80 -33.38 0.05
C LEU F 137 17.94 -32.43 0.40
N ILE F 138 18.00 -32.01 1.65
CA ILE F 138 19.00 -31.07 2.13
C ILE F 138 19.78 -31.74 3.25
N GLN F 139 21.06 -32.00 3.01
CA GLN F 139 21.91 -32.71 3.96
C GLN F 139 23.35 -32.27 3.77
N PRO F 140 24.19 -32.41 4.80
CA PRO F 140 25.63 -32.18 4.62
C PRO F 140 26.31 -33.20 3.72
N ASP F 141 25.61 -34.24 3.27
CA ASP F 141 26.17 -35.17 2.29
C ASP F 141 25.95 -34.70 0.86
N VAL F 142 25.38 -33.53 0.66
CA VAL F 142 25.19 -32.95 -0.66
C VAL F 142 25.92 -31.63 -0.80
N PHE F 143 25.86 -30.80 0.24
CA PHE F 143 26.46 -29.47 0.18
C PHE F 143 27.97 -29.52 0.03
N VAL F 144 28.63 -30.47 0.69
CA VAL F 144 30.08 -30.55 0.59
C VAL F 144 30.50 -30.85 -0.85
N ARG F 145 29.83 -31.79 -1.50
CA ARG F 145 30.17 -32.11 -2.88
C ARG F 145 29.79 -30.98 -3.82
N LYS F 146 28.68 -30.28 -3.56
CA LYS F 146 28.34 -29.15 -4.42
C LYS F 146 29.37 -28.04 -4.31
N ALA F 147 29.86 -27.78 -3.10
CA ALA F 147 30.91 -26.79 -2.92
C ALA F 147 32.20 -27.24 -3.60
N ASP F 148 32.51 -28.52 -3.51
CA ASP F 148 33.68 -29.05 -4.22
C ASP F 148 33.57 -28.81 -5.73
N CYS F 149 32.39 -29.06 -6.30
CA CYS F 149 32.22 -28.87 -7.73
C CYS F 149 32.32 -27.39 -8.11
N LEU F 150 31.63 -26.52 -7.35
CA LEU F 150 31.67 -25.10 -7.67
C LEU F 150 33.07 -24.52 -7.54
N LEU F 151 33.89 -25.09 -6.65
CA LEU F 151 35.27 -24.63 -6.57
C LEU F 151 36.10 -25.18 -7.72
N LYS F 152 35.88 -26.44 -8.09
CA LYS F 152 36.72 -27.05 -9.11
C LYS F 152 36.46 -26.45 -10.49
N LEU F 153 35.22 -26.07 -10.79
CA LEU F 153 34.95 -25.44 -12.08
C LEU F 153 34.89 -23.92 -12.00
N ARG F 154 35.62 -23.33 -11.04
CA ARG F 154 35.91 -21.90 -11.02
C ARG F 154 34.63 -21.05 -10.99
N GLN F 155 33.93 -21.18 -9.86
CA GLN F 155 32.87 -20.24 -9.48
C GLN F 155 33.00 -20.01 -7.98
N TRP F 156 33.42 -18.82 -7.58
CA TRP F 156 33.80 -18.61 -6.19
C TRP F 156 32.70 -18.02 -5.33
N GLU F 157 32.00 -17.00 -5.82
CA GLU F 157 30.97 -16.37 -4.99
C GLU F 157 29.88 -17.37 -4.62
N GLU F 158 29.40 -18.14 -5.58
CA GLU F 158 28.38 -19.14 -5.26
C GLU F 158 28.96 -20.26 -4.41
N ALA F 159 30.27 -20.53 -4.54
CA ALA F 159 30.90 -21.49 -3.65
C ALA F 159 30.80 -21.03 -2.21
N ARG F 160 31.11 -19.75 -1.96
CA ARG F 160 31.00 -19.22 -0.61
C ARG F 160 29.57 -19.24 -0.11
N ALA F 161 28.63 -18.85 -0.97
CA ALA F 161 27.22 -18.84 -0.55
C ALA F 161 26.75 -20.24 -0.17
N THR F 162 27.11 -21.26 -0.96
CA THR F 162 26.68 -22.62 -0.66
C THR F 162 27.37 -23.17 0.58
N CYS F 163 28.67 -22.93 0.74
CA CYS F 163 29.34 -23.37 1.96
C CYS F 163 28.71 -22.74 3.19
N GLU F 164 28.34 -21.45 3.11
CA GLU F 164 27.74 -20.81 4.27
C GLU F 164 26.35 -21.37 4.56
N ARG F 165 25.55 -21.61 3.52
CA ARG F 165 24.25 -22.26 3.74
C ARG F 165 24.43 -23.63 4.38
N GLY F 166 25.45 -24.37 3.95
CA GLY F 166 25.68 -25.67 4.54
C GLY F 166 26.08 -25.59 6.00
N LEU F 167 27.00 -24.69 6.32
CA LEU F 167 27.44 -24.52 7.71
C LEU F 167 26.35 -23.94 8.60
N ALA F 168 25.32 -23.31 8.01
CA ALA F 168 24.21 -22.83 8.81
C ALA F 168 23.15 -23.89 9.08
N LEU F 169 23.41 -25.15 8.73
CA LEU F 169 22.51 -26.24 9.06
C LEU F 169 23.17 -27.35 9.87
N ALA F 170 24.49 -27.52 9.76
CA ALA F 170 25.24 -28.50 10.54
C ALA F 170 26.51 -27.83 11.03
N PRO F 171 26.39 -26.89 11.98
CA PRO F 171 27.54 -26.03 12.33
C PRO F 171 28.72 -26.78 12.92
N GLU F 172 28.53 -27.99 13.43
CA GLU F 172 29.61 -28.75 14.02
C GLU F 172 30.34 -29.64 13.02
N ASP F 173 30.04 -29.49 11.73
CA ASP F 173 30.70 -30.30 10.72
C ASP F 173 32.19 -29.98 10.67
N MET F 174 32.96 -30.95 10.19
CA MET F 174 34.41 -30.85 10.16
C MET F 174 34.99 -30.58 8.78
N LYS F 175 34.26 -30.91 7.71
CA LYS F 175 34.74 -30.67 6.35
C LYS F 175 34.20 -29.37 5.76
N LEU F 176 32.99 -28.97 6.16
CA LEU F 176 32.45 -27.71 5.65
C LEU F 176 33.31 -26.53 6.06
N ARG F 177 33.93 -26.58 7.24
CA ARG F 177 34.78 -25.47 7.64
C ARG F 177 36.06 -25.43 6.83
N ALA F 178 36.63 -26.59 6.51
CA ALA F 178 37.78 -26.61 5.62
C ALA F 178 37.43 -26.03 4.25
N LEU F 179 36.27 -26.43 3.71
CA LEU F 179 35.85 -25.89 2.43
C LEU F 179 35.62 -24.37 2.51
N LEU F 180 35.07 -23.90 3.63
CA LEU F 180 34.85 -22.47 3.78
C LEU F 180 36.16 -21.71 3.84
N ILE F 181 37.16 -22.25 4.53
CA ILE F 181 38.45 -21.58 4.61
C ILE F 181 39.11 -21.54 3.23
N GLU F 182 39.05 -22.65 2.50
CA GLU F 182 39.62 -22.66 1.16
C GLU F 182 38.92 -21.66 0.24
N THR F 183 37.59 -21.60 0.32
CA THR F 183 36.86 -20.63 -0.50
C THR F 183 37.23 -19.21 -0.13
N ALA F 184 37.32 -18.90 1.16
CA ALA F 184 37.69 -17.56 1.58
C ALA F 184 39.07 -17.18 1.06
N ARG F 185 40.03 -18.10 1.16
CA ARG F 185 41.38 -17.79 0.68
C ARG F 185 41.38 -17.57 -0.82
N ASN F 186 40.78 -18.48 -1.58
CA ASN F 186 40.79 -18.35 -3.03
C ASN F 186 40.07 -17.08 -3.48
N LEU F 187 39.00 -16.69 -2.80
CA LEU F 187 38.30 -15.48 -3.20
C LEU F 187 39.07 -14.23 -2.82
N ALA F 188 39.75 -14.23 -1.67
CA ALA F 188 40.61 -13.10 -1.33
C ALA F 188 41.77 -12.98 -2.30
N GLU F 189 42.13 -14.08 -2.97
CA GLU F 189 43.06 -13.97 -4.10
C GLU F 189 42.37 -13.45 -5.35
N TYR F 190 41.16 -13.93 -5.61
CA TYR F 190 40.35 -13.48 -6.75
C TYR F 190 40.18 -11.97 -6.76
N ASN F 191 40.11 -11.34 -5.59
CA ASN F 191 39.98 -9.90 -5.52
C ASN F 191 41.32 -9.19 -5.41
N GLY F 192 42.08 -9.49 -4.37
CA GLY F 192 43.35 -8.81 -4.15
C GLY F 192 44.57 -9.68 -4.30
#